data_7PVD
#
_entry.id   7PVD
#
_cell.length_a   1.00
_cell.length_b   1.00
_cell.length_c   1.00
_cell.angle_alpha   90.00
_cell.angle_beta   90.00
_cell.angle_gamma   90.00
#
_symmetry.space_group_name_H-M   'P 1'
#
loop_
_entity.id
_entity.type
_entity.pdbx_description
1 polymer 'Glycoprotein G2'
2 polymer 'Pre-glycoprotein polyprotein GP complex'
3 branched 2-acetamido-2-deoxy-beta-D-glucopyranose-(1-4)-2-acetamido-2-deoxy-beta-D-glucopyranose
4 branched 'alpha-D-xylopyranose-(1-3)-beta-D-glucopyranuronic acid-(1-3)-alpha-D-xylopyranose-(1-3)-beta-D-glucopyranuronic acid-(1-3)-alpha-D-xylopyranose-(1-3)-beta-D-glucopyranuronic acid-(1-3)-alpha-D-xylopyranose-(1-3)-beta-D-glucopyranuronic acid-(1-3)-alpha-D-xylopyranose-(1-3)-beta-D-glucopyranuronic acid-(1-3)-alpha-D-xylopyranose-(1-3)-beta-D-glucopyranuronic acid-(1-3)-alpha-D-xylopyranose'
5 non-polymer 2-acetamido-2-deoxy-beta-D-glucopyranose
#
loop_
_entity_poly.entity_id
_entity_poly.type
_entity_poly.pdbx_seq_one_letter_code
_entity_poly.pdbx_strand_id
1 'polypeptide(L)'
;GTFTWTLSDSEGKDTPGGYCLTRWMLIEAELKCFGNTAVAKCNEKHDEEFCDMLRLFDFNKQAIQRLKAEAQMSIQLINK
AVNALINDQLIMKNHLRDIMGIPYCNYSKYWYLNHTTTGRTSLPKCWLVSNGSYLNETHFSDDIEQQADNMITEMLQKEY
MERQGKTPLGLVDLFVFSTSFYLISIFLHLVKIPTHRHIVGKSCPKPHRLNHMGICSCGLYKQPGVPVKWKRGGGSDYKD
DDDK
;
a,b,c
2 'polypeptide(L)'
;MGQIVTFFQEVPHVIEEVMNIVLIALSVLAVLKGLYNFATCGLVGLVTFLLLCGRSCTTSLYKGVYELQTLELNMETLNM
TMPLSCTKNNSHHYIMVGNETGLELTLTNTSIINHKFCNLSDAHKKNLYDHALMSIISTFHLSIPNFNQYEAMSCDFNGG
KISVQYNLSHSYAGDAANHCGTVANGVLQTFMRMAWGGSYIALDSGRGNWDCIMTSYQYLIIQNTTWEDHCQFSRPSPIG
YLGLLSQRTRDIYISRRLL
;
A,B,C
#
loop_
_chem_comp.id
_chem_comp.type
_chem_comp.name
_chem_comp.formula
BDP D-saccharide, beta linking 'beta-D-glucopyranuronic acid' 'C6 H10 O7'
NAG D-saccharide, beta linking 2-acetamido-2-deoxy-beta-D-glucopyranose 'C8 H15 N O6'
XYS D-saccharide, alpha linking alpha-D-xylopyranose 'C5 H10 O5'
#
# COMPACT_ATOMS: atom_id res chain seq x y z
N GLY A 1 3.56 1.05 1.11
CA GLY A 1 4.65 1.98 1.30
C GLY A 1 4.18 3.42 1.33
N THR A 2 5.12 4.35 1.16
CA THR A 2 4.84 5.77 1.14
C THR A 2 5.49 6.39 -0.10
N PHE A 3 5.27 7.70 -0.27
CA PHE A 3 5.90 8.40 -1.37
C PHE A 3 7.41 8.50 -1.15
N THR A 4 8.15 8.45 -2.25
CA THR A 4 9.61 8.58 -2.20
C THR A 4 10.17 9.61 -3.16
N TRP A 5 9.35 10.18 -4.04
CA TRP A 5 9.85 11.14 -5.01
C TRP A 5 10.41 12.38 -4.32
N THR A 6 11.45 12.94 -4.92
CA THR A 6 12.12 14.12 -4.39
C THR A 6 11.97 15.26 -5.39
N LEU A 7 11.92 16.47 -4.89
CA LEU A 7 11.62 17.62 -5.72
C LEU A 7 12.86 18.04 -6.51
N SER A 8 12.68 18.18 -7.82
CA SER A 8 13.78 18.61 -8.69
C SER A 8 14.19 20.03 -8.37
N ASP A 9 15.47 20.32 -8.61
CA ASP A 9 15.99 21.66 -8.41
C ASP A 9 15.21 22.67 -9.23
N SER A 10 14.83 23.78 -8.62
CA SER A 10 14.01 24.79 -9.24
C SER A 10 14.85 26.04 -9.52
N GLU A 11 14.68 26.61 -10.71
CA GLU A 11 15.47 27.76 -11.14
C GLU A 11 14.87 29.06 -10.58
N GLY A 12 14.87 29.13 -9.26
CA GLY A 12 14.46 30.34 -8.57
C GLY A 12 15.57 30.89 -7.69
N LYS A 13 16.00 32.11 -7.97
CA LYS A 13 17.13 32.70 -7.25
C LYS A 13 16.80 32.87 -5.76
N ASP A 14 15.59 33.35 -5.46
CA ASP A 14 15.21 33.55 -4.06
C ASP A 14 15.10 32.22 -3.32
N THR A 15 14.55 31.20 -3.97
CA THR A 15 14.29 29.90 -3.36
C THR A 15 15.10 28.83 -4.08
N PRO A 16 16.29 28.51 -3.59
CA PRO A 16 17.15 27.54 -4.28
C PRO A 16 16.58 26.13 -4.28
N GLY A 17 16.11 25.67 -3.13
CA GLY A 17 15.68 24.29 -3.00
C GLY A 17 14.19 24.08 -2.94
N GLY A 18 13.40 25.14 -3.11
CA GLY A 18 11.96 25.07 -2.98
C GLY A 18 11.27 25.23 -4.32
N TYR A 19 10.31 24.34 -4.58
CA TYR A 19 9.58 24.37 -5.84
C TYR A 19 8.87 25.70 -6.04
N CYS A 20 9.23 26.40 -7.11
CA CYS A 20 8.60 27.67 -7.46
C CYS A 20 7.66 27.46 -8.65
N LEU A 21 6.42 27.91 -8.50
CA LEU A 21 5.40 27.74 -9.53
C LEU A 21 5.45 28.89 -10.53
N THR A 22 5.48 28.55 -11.82
CA THR A 22 5.66 29.53 -12.87
C THR A 22 4.33 30.19 -13.21
N ARG A 23 4.31 30.97 -14.29
CA ARG A 23 3.10 31.65 -14.73
C ARG A 23 2.01 30.67 -15.15
N TRP A 24 2.39 29.63 -15.89
CA TRP A 24 1.41 28.70 -16.42
C TRP A 24 0.70 27.95 -15.31
N MET A 25 1.41 27.63 -14.23
CA MET A 25 0.86 26.79 -13.17
C MET A 25 -0.30 27.48 -12.45
N LEU A 26 -0.16 28.76 -12.14
CA LEU A 26 -1.15 29.49 -11.34
C LEU A 26 -2.07 30.28 -12.26
N ILE A 27 -3.38 30.07 -12.14
CA ILE A 27 -4.35 30.75 -12.99
C ILE A 27 -4.33 32.24 -12.68
N GLU A 28 -4.01 33.05 -13.68
CA GLU A 28 -4.14 34.50 -13.61
C GLU A 28 -3.46 35.08 -12.38
N ALA A 29 -2.28 34.55 -12.05
CA ALA A 29 -1.57 35.07 -10.88
C ALA A 29 -0.05 35.11 -11.08
N GLU A 30 0.41 35.02 -12.32
CA GLU A 30 1.85 35.19 -12.66
C GLU A 30 2.64 34.11 -11.93
N LEU A 31 3.78 34.46 -11.34
CA LEU A 31 4.70 33.49 -10.74
C LEU A 31 4.88 33.78 -9.25
N LYS A 32 4.83 32.72 -8.44
CA LYS A 32 5.12 32.81 -7.02
C LYS A 32 6.10 31.71 -6.63
N CYS A 33 6.96 32.03 -5.68
CA CYS A 33 8.01 31.12 -5.20
C CYS A 33 7.74 30.83 -3.73
N PHE A 34 7.81 29.56 -3.35
CA PHE A 34 7.41 29.15 -2.01
C PHE A 34 8.56 29.05 -1.03
N GLY A 35 9.65 28.39 -1.39
CA GLY A 35 10.74 28.20 -0.45
C GLY A 35 10.98 26.74 -0.11
N ASN A 36 12.17 26.45 0.44
CA ASN A 36 12.52 25.06 0.72
C ASN A 36 11.77 24.51 1.93
N THR A 37 11.49 25.34 2.93
CA THR A 37 10.86 24.84 4.15
C THR A 37 9.46 24.31 3.89
N ALA A 38 8.65 25.08 3.16
CA ALA A 38 7.27 24.69 2.93
C ALA A 38 7.19 23.41 2.10
N VAL A 39 8.02 23.30 1.06
CA VAL A 39 7.96 22.12 0.21
C VAL A 39 8.55 20.91 0.92
N ALA A 40 9.58 21.10 1.75
CA ALA A 40 10.19 20.00 2.46
C ALA A 40 9.42 19.60 3.70
N LYS A 41 8.41 20.38 4.10
CA LYS A 41 7.64 20.05 5.29
C LYS A 41 7.03 18.65 5.21
N CYS A 42 6.49 18.27 4.06
CA CYS A 42 5.80 16.98 3.96
C CYS A 42 6.71 15.87 3.46
N ASN A 43 8.00 15.92 3.78
CA ASN A 43 8.83 14.74 3.59
C ASN A 43 8.56 13.69 4.66
N GLU A 44 7.89 14.07 5.74
CA GLU A 44 7.33 13.16 6.71
C GLU A 44 5.82 13.20 6.82
N LYS A 45 5.18 14.25 6.31
CA LYS A 45 3.74 14.39 6.47
C LYS A 45 3.00 13.61 5.40
N HIS A 46 1.90 12.98 5.79
CA HIS A 46 1.03 12.26 4.87
C HIS A 46 -0.36 12.86 4.78
N ASP A 47 -0.58 14.04 5.38
CA ASP A 47 -1.91 14.62 5.53
C ASP A 47 -2.00 15.98 4.84
N GLU A 48 -1.07 16.30 3.96
CA GLU A 48 -1.10 17.54 3.20
C GLU A 48 -1.41 17.25 1.74
N GLU A 49 -2.21 18.11 1.13
CA GLU A 49 -2.67 17.91 -0.24
C GLU A 49 -1.89 18.74 -1.25
N PHE A 50 -1.50 19.96 -0.90
CA PHE A 50 -0.89 20.84 -1.89
C PHE A 50 0.51 20.40 -2.27
N CYS A 51 1.28 19.87 -1.32
CA CYS A 51 2.63 19.49 -1.69
C CYS A 51 2.63 18.23 -2.52
N ASP A 52 1.63 17.36 -2.34
CA ASP A 52 1.42 16.27 -3.28
C ASP A 52 1.15 16.81 -4.68
N MET A 53 0.34 17.86 -4.78
CA MET A 53 0.08 18.45 -6.08
C MET A 53 1.35 19.02 -6.71
N LEU A 54 2.19 19.69 -5.93
CA LEU A 54 3.41 20.23 -6.52
C LEU A 54 4.41 19.13 -6.84
N ARG A 55 4.35 17.99 -6.13
CA ARG A 55 5.11 16.81 -6.56
C ARG A 55 4.60 16.30 -7.90
N LEU A 56 3.28 16.30 -8.11
CA LEU A 56 2.75 15.97 -9.44
C LEU A 56 3.26 16.95 -10.49
N PHE A 57 3.30 18.24 -10.15
CA PHE A 57 3.81 19.25 -11.06
C PHE A 57 5.26 18.98 -11.42
N ASP A 58 6.09 18.67 -10.43
CA ASP A 58 7.50 18.44 -10.68
C ASP A 58 7.71 17.16 -11.48
N PHE A 59 6.91 16.12 -11.21
CA PHE A 59 7.00 14.90 -12.01
C PHE A 59 6.63 15.17 -13.45
N ASN A 60 5.58 15.96 -13.69
CA ASN A 60 5.23 16.33 -15.05
C ASN A 60 6.35 17.10 -15.73
N LYS A 61 6.97 18.04 -15.01
CA LYS A 61 8.05 18.83 -15.60
C LYS A 61 9.23 17.94 -15.98
N GLN A 62 9.62 17.04 -15.09
CA GLN A 62 10.68 16.08 -15.40
C GLN A 62 10.32 15.23 -16.60
N ALA A 63 9.10 14.69 -16.63
CA ALA A 63 8.69 13.83 -17.73
C ALA A 63 8.68 14.58 -19.06
N ILE A 64 8.40 15.88 -19.05
CA ILE A 64 8.38 16.64 -20.29
C ILE A 64 9.78 16.99 -20.75
N GLN A 65 10.61 17.52 -19.84
CA GLN A 65 11.89 18.05 -20.30
C GLN A 65 12.87 16.93 -20.68
N ARG A 66 12.81 15.81 -19.97
CA ARG A 66 13.82 14.77 -20.08
C ARG A 66 13.31 13.54 -20.83
N LEU A 67 12.08 13.57 -21.33
CA LEU A 67 11.61 12.59 -22.30
C LEU A 67 11.04 13.33 -23.50
N LYS A 68 10.36 12.62 -24.39
CA LYS A 68 9.72 13.22 -25.56
C LYS A 68 8.21 13.08 -25.45
N ALA A 69 7.49 14.16 -25.75
CA ALA A 69 6.04 14.15 -25.62
C ALA A 69 5.42 13.16 -26.62
N GLU A 70 5.85 13.20 -27.87
CA GLU A 70 5.45 12.28 -28.94
C GLU A 70 3.98 12.45 -29.33
N ALA A 71 3.26 13.35 -28.66
CA ALA A 71 1.87 13.72 -28.91
C ALA A 71 0.88 12.64 -28.50
N GLN A 72 1.33 11.50 -27.98
CA GLN A 72 0.45 10.48 -27.44
C GLN A 72 0.81 10.22 -25.98
N MET A 73 -0.21 9.96 -25.17
CA MET A 73 -0.01 9.89 -23.72
C MET A 73 0.73 8.63 -23.33
N SER A 74 1.59 8.76 -22.32
CA SER A 74 2.24 7.63 -21.65
C SER A 74 1.72 7.56 -20.22
N ILE A 75 0.59 6.87 -20.05
CA ILE A 75 0.03 6.63 -18.72
C ILE A 75 0.90 5.72 -17.88
N GLN A 76 1.89 5.06 -18.49
CA GLN A 76 2.74 4.14 -17.74
C GLN A 76 3.45 4.85 -16.60
N LEU A 77 4.03 6.01 -16.88
CA LEU A 77 4.80 6.73 -15.88
C LEU A 77 3.93 7.11 -14.69
N ILE A 78 2.75 7.66 -14.95
CA ILE A 78 1.91 8.12 -13.85
C ILE A 78 1.37 6.93 -13.07
N ASN A 79 0.97 5.86 -13.77
CA ASN A 79 0.47 4.70 -13.06
C ASN A 79 1.54 4.04 -12.21
N LYS A 80 2.80 4.09 -12.64
CA LYS A 80 3.86 3.54 -11.81
C LYS A 80 4.21 4.45 -10.64
N ALA A 81 4.23 5.75 -10.86
CA ALA A 81 4.76 6.69 -9.87
C ALA A 81 3.69 7.31 -8.98
N VAL A 82 2.41 7.00 -9.17
CA VAL A 82 1.37 7.68 -8.40
C VAL A 82 1.54 7.43 -6.91
N ASN A 83 1.92 6.21 -6.53
CA ASN A 83 2.18 5.94 -5.11
C ASN A 83 3.50 6.52 -4.65
N ALA A 84 4.41 6.87 -5.57
CA ALA A 84 5.66 7.49 -5.20
C ALA A 84 5.60 9.01 -5.17
N LEU A 85 4.49 9.60 -5.63
CA LEU A 85 4.34 11.04 -5.69
C LEU A 85 3.38 11.57 -4.63
N ILE A 86 2.22 10.94 -4.46
CA ILE A 86 1.16 11.43 -3.59
C ILE A 86 0.79 10.35 -2.59
N ASN A 87 0.18 10.79 -1.49
CA ASN A 87 -0.40 9.84 -0.55
C ASN A 87 -1.64 9.19 -1.15
N ASP A 88 -1.85 7.92 -0.80
CA ASP A 88 -2.85 7.10 -1.46
C ASP A 88 -4.21 7.14 -0.78
N GLN A 89 -4.27 7.55 0.49
CA GLN A 89 -5.50 7.51 1.26
C GLN A 89 -5.97 8.88 1.73
N LEU A 90 -5.23 9.94 1.43
CA LEU A 90 -5.70 11.28 1.73
C LEU A 90 -6.95 11.59 0.91
N ILE A 91 -6.96 11.16 -0.35
CA ILE A 91 -8.15 11.30 -1.19
C ILE A 91 -9.29 10.49 -0.61
N MET A 92 -8.98 9.33 -0.02
CA MET A 92 -10.02 8.56 0.68
C MET A 92 -10.59 9.35 1.84
N LYS A 93 -9.72 10.00 2.63
CA LYS A 93 -10.21 10.78 3.76
C LYS A 93 -11.12 11.91 3.30
N ASN A 94 -10.78 12.56 2.20
CA ASN A 94 -11.62 13.65 1.74
C ASN A 94 -12.92 13.16 1.12
N HIS A 95 -12.87 12.00 0.45
CA HIS A 95 -14.10 11.37 -0.03
C HIS A 95 -15.03 11.02 1.13
N LEU A 96 -14.46 10.52 2.24
CA LEU A 96 -15.28 10.17 3.39
C LEU A 96 -15.90 11.42 4.02
N ARG A 97 -15.09 12.46 4.25
CA ARG A 97 -15.63 13.72 4.72
C ARG A 97 -16.75 14.23 3.81
N ASP A 98 -16.60 14.05 2.50
CA ASP A 98 -17.66 14.46 1.58
C ASP A 98 -18.92 13.65 1.76
N ILE A 99 -18.79 12.32 1.88
CA ILE A 99 -19.98 11.48 2.03
C ILE A 99 -20.71 11.79 3.33
N MET A 100 -19.96 11.95 4.42
CA MET A 100 -20.58 12.20 5.72
C MET A 100 -21.33 13.53 5.74
N GLY A 101 -20.83 14.54 5.03
CA GLY A 101 -21.47 15.83 4.99
C GLY A 101 -20.70 16.95 5.67
N ILE A 102 -19.46 16.71 6.06
CA ILE A 102 -18.59 17.75 6.60
C ILE A 102 -17.88 18.38 5.41
N PRO A 103 -17.41 19.62 5.50
CA PRO A 103 -16.68 20.22 4.37
C PRO A 103 -15.46 19.41 3.97
N TYR A 104 -15.33 19.16 2.67
CA TYR A 104 -14.23 18.39 2.13
C TYR A 104 -13.32 19.27 1.28
N CYS A 105 -12.11 18.78 1.05
CA CYS A 105 -11.17 19.45 0.16
C CYS A 105 -11.67 19.47 -1.28
N ASN A 106 -11.57 20.62 -1.92
CA ASN A 106 -11.90 20.74 -3.34
C ASN A 106 -10.80 20.14 -4.22
N TYR A 107 -9.54 20.41 -3.88
CA TYR A 107 -8.32 20.09 -4.62
C TYR A 107 -8.09 21.03 -5.79
N SER A 108 -8.84 22.12 -5.91
CA SER A 108 -8.57 23.16 -6.89
C SER A 108 -8.05 24.44 -6.26
N LYS A 109 -8.76 25.00 -5.29
CA LYS A 109 -8.27 26.17 -4.57
C LYS A 109 -7.49 25.74 -3.34
N TYR A 110 -6.37 26.42 -3.10
CA TYR A 110 -5.58 26.25 -1.90
C TYR A 110 -5.30 27.61 -1.30
N TRP A 111 -5.37 27.72 0.01
CA TRP A 111 -5.15 28.97 0.70
C TRP A 111 -3.91 28.87 1.57
N TYR A 112 -3.20 29.99 1.68
CA TYR A 112 -1.97 30.03 2.46
C TYR A 112 -1.82 31.43 3.03
N LEU A 113 -1.00 31.55 4.07
CA LEU A 113 -0.80 32.82 4.76
C LEU A 113 0.53 33.41 4.29
N ASN A 114 0.46 34.24 3.25
CA ASN A 114 1.64 34.92 2.74
C ASN A 114 2.10 35.99 3.73
N HIS A 115 3.31 35.84 4.24
CA HIS A 115 3.90 36.88 5.08
C HIS A 115 4.31 38.04 4.21
N THR A 116 3.64 39.19 4.37
CA THR A 116 3.79 40.29 3.43
C THR A 116 5.21 40.83 3.41
N THR A 117 5.79 41.06 4.60
CA THR A 117 7.09 41.74 4.67
C THR A 117 8.22 40.84 4.16
N THR A 118 8.24 39.59 4.61
CA THR A 118 9.35 38.68 4.30
C THR A 118 9.07 37.78 3.10
N GLY A 119 7.82 37.49 2.81
CA GLY A 119 7.47 36.66 1.68
C GLY A 119 7.46 35.18 1.95
N ARG A 120 7.63 34.75 3.20
CA ARG A 120 7.45 33.35 3.53
C ARG A 120 5.98 32.95 3.37
N THR A 121 5.77 31.65 3.21
CA THR A 121 4.43 31.10 3.13
C THR A 121 4.34 29.82 3.94
N SER A 122 3.20 29.59 4.57
CA SER A 122 2.85 28.25 5.01
C SER A 122 2.62 27.36 3.79
N LEU A 123 2.75 26.07 4.00
CA LEU A 123 2.36 25.15 2.94
C LEU A 123 0.86 25.28 2.72
N PRO A 124 0.43 25.67 1.52
CA PRO A 124 -1.01 25.88 1.30
C PRO A 124 -1.81 24.62 1.57
N LYS A 125 -3.00 24.80 2.14
CA LYS A 125 -3.90 23.69 2.38
C LYS A 125 -5.26 23.99 1.78
N CYS A 126 -6.00 22.91 1.53
CA CYS A 126 -7.18 22.97 0.69
C CYS A 126 -8.24 23.89 1.28
N TRP A 127 -8.86 24.70 0.42
CA TRP A 127 -10.02 25.50 0.78
C TRP A 127 -11.24 24.58 0.81
N LEU A 128 -11.84 24.44 1.99
CA LEU A 128 -12.97 23.54 2.15
C LEU A 128 -14.17 23.99 1.31
N VAL A 129 -14.80 23.01 0.65
CA VAL A 129 -16.01 23.23 -0.13
C VAL A 129 -17.13 22.38 0.44
N SER A 130 -18.33 22.96 0.56
CA SER A 130 -19.46 22.25 1.13
C SER A 130 -20.74 22.75 0.48
N ASN A 131 -21.76 21.90 0.51
CA ASN A 131 -23.12 22.28 0.10
C ASN A 131 -23.13 22.86 -1.33
N GLY A 132 -22.14 22.44 -2.13
CA GLY A 132 -22.02 22.96 -3.48
C GLY A 132 -21.44 24.34 -3.57
N SER A 133 -20.73 24.81 -2.55
CA SER A 133 -20.11 26.13 -2.60
C SER A 133 -18.89 26.15 -1.68
N TYR A 134 -18.05 27.16 -1.90
CA TYR A 134 -16.92 27.40 -1.01
C TYR A 134 -17.40 27.86 0.36
N LEU A 135 -16.77 27.34 1.40
CA LEU A 135 -17.01 27.84 2.75
C LEU A 135 -16.56 29.28 2.88
N ASN A 136 -17.37 30.07 3.58
CA ASN A 136 -17.00 31.43 3.92
C ASN A 136 -15.74 31.44 4.80
N GLU A 137 -14.90 32.44 4.55
CA GLU A 137 -13.69 32.65 5.34
C GLU A 137 -13.98 32.77 6.83
N THR A 138 -15.19 33.23 7.20
CA THR A 138 -15.56 33.28 8.61
C THR A 138 -15.69 31.87 9.20
N HIS A 139 -16.18 30.91 8.42
CA HIS A 139 -16.47 29.58 8.96
C HIS A 139 -15.21 28.88 9.48
N PHE A 140 -14.12 28.92 8.71
CA PHE A 140 -12.88 28.26 9.11
C PHE A 140 -11.82 29.26 9.58
N SER A 141 -12.25 30.44 10.04
CA SER A 141 -11.32 31.40 10.63
C SER A 141 -10.48 30.75 11.72
N ASP A 142 -11.09 29.87 12.52
CA ASP A 142 -10.35 29.18 13.59
C ASP A 142 -9.18 28.39 13.03
N ASP A 143 -9.40 27.67 11.92
CA ASP A 143 -8.29 26.96 11.29
C ASP A 143 -7.22 27.92 10.79
N ILE A 144 -7.64 29.12 10.34
CA ILE A 144 -6.68 30.10 9.89
C ILE A 144 -5.77 30.54 11.04
N GLU A 145 -6.37 30.85 12.19
CA GLU A 145 -5.52 31.21 13.32
C GLU A 145 -4.72 30.01 13.82
N GLN A 146 -5.21 28.80 13.58
CA GLN A 146 -4.43 27.61 13.90
C GLN A 146 -3.14 27.62 13.10
N GLN A 147 -3.27 27.81 11.79
CA GLN A 147 -2.09 27.79 10.93
C GLN A 147 -1.17 28.95 11.26
N ALA A 148 -1.74 30.11 11.63
CA ALA A 148 -0.92 31.26 11.98
C ALA A 148 -0.07 30.93 13.20
N ASP A 149 -0.69 30.33 14.22
CA ASP A 149 0.05 29.94 15.42
C ASP A 149 1.09 28.89 15.08
N ASN A 150 0.76 27.94 14.21
CA ASN A 150 1.72 26.92 13.81
C ASN A 150 2.92 27.58 13.15
N MET A 151 2.68 28.52 12.23
CA MET A 151 3.77 29.15 11.51
C MET A 151 4.68 29.89 12.49
N ILE A 152 4.08 30.65 13.41
CA ILE A 152 4.88 31.43 14.34
C ILE A 152 5.73 30.50 15.21
N THR A 153 5.12 29.43 15.72
CA THR A 153 5.86 28.53 16.60
C THR A 153 6.98 27.83 15.85
N GLU A 154 6.70 27.34 14.64
CA GLU A 154 7.72 26.62 13.88
C GLU A 154 8.87 27.55 13.53
N MET A 155 8.55 28.78 13.11
CA MET A 155 9.61 29.71 12.72
C MET A 155 10.47 30.04 13.93
N LEU A 156 9.85 30.35 15.06
CA LEU A 156 10.64 30.72 16.23
C LEU A 156 11.51 29.57 16.69
N GLN A 157 10.96 28.34 16.68
CA GLN A 157 11.73 27.18 17.11
C GLN A 157 12.91 26.91 16.18
N LYS A 158 12.68 26.95 14.87
CA LYS A 158 13.76 26.70 13.92
C LYS A 158 14.83 27.79 13.98
N GLU A 159 14.44 29.05 14.14
CA GLU A 159 15.43 30.12 14.21
C GLU A 159 16.38 29.93 15.38
N TYR A 160 15.86 29.58 16.55
CA TYR A 160 16.71 29.34 17.71
C TYR A 160 17.55 28.09 17.53
N GLY B 1 0.35 4.05 0.88
CA GLY B 1 0.23 5.26 1.70
C GLY B 1 0.19 4.94 3.18
N THR B 2 -0.26 5.91 3.98
CA THR B 2 -0.39 5.76 5.41
C THR B 2 -1.79 6.20 5.84
N PHE B 3 -2.06 6.09 7.13
CA PHE B 3 -3.34 6.55 7.67
C PHE B 3 -3.42 8.07 7.60
N THR B 4 -4.62 8.58 7.37
CA THR B 4 -4.86 10.01 7.33
C THR B 4 -6.02 10.46 8.19
N TRP B 5 -6.78 9.55 8.78
CA TRP B 5 -7.94 9.93 9.58
C TRP B 5 -7.51 10.74 10.80
N THR B 6 -8.35 11.69 11.19
CA THR B 6 -8.10 12.56 12.32
C THR B 6 -9.17 12.32 13.37
N LEU B 7 -8.80 12.47 14.64
CA LEU B 7 -9.69 12.13 15.73
C LEU B 7 -10.74 13.22 15.91
N SER B 8 -12.00 12.80 15.97
CA SER B 8 -13.09 13.73 16.17
C SER B 8 -13.04 14.34 17.57
N ASP B 9 -13.54 15.57 17.69
CA ASP B 9 -13.59 16.24 18.97
C ASP B 9 -14.36 15.41 19.98
N SER B 10 -13.81 15.28 21.18
CA SER B 10 -14.39 14.44 22.23
C SER B 10 -14.96 15.32 23.33
N GLU B 11 -16.15 14.97 23.80
CA GLU B 11 -16.84 15.77 24.81
C GLU B 11 -16.33 15.42 26.21
N GLY B 12 -15.04 15.68 26.41
CA GLY B 12 -14.43 15.54 27.71
C GLY B 12 -13.85 16.84 28.21
N LYS B 13 -14.34 17.32 29.35
CA LYS B 13 -13.91 18.62 29.87
C LYS B 13 -12.43 18.61 30.21
N ASP B 14 -11.95 17.54 30.86
CA ASP B 14 -10.54 17.46 31.22
C ASP B 14 -9.64 17.38 29.99
N THR B 15 -10.07 16.62 28.97
CA THR B 15 -9.27 16.37 27.78
C THR B 15 -10.00 16.91 26.57
N PRO B 16 -9.72 18.14 26.16
CA PRO B 16 -10.45 18.75 25.03
C PRO B 16 -10.19 18.06 23.71
N GLY B 17 -8.91 17.78 23.41
CA GLY B 17 -8.56 17.26 22.11
C GLY B 17 -8.20 15.79 22.07
N GLY B 18 -8.33 15.10 23.19
CA GLY B 18 -7.91 13.70 23.30
C GLY B 18 -9.11 12.79 23.42
N TYR B 19 -9.09 11.71 22.63
CA TYR B 19 -10.19 10.76 22.62
C TYR B 19 -10.39 10.15 24.00
N CYS B 20 -11.58 10.35 24.56
CA CYS B 20 -11.95 9.78 25.84
C CYS B 20 -12.91 8.62 25.65
N LEU B 21 -12.59 7.48 26.24
CA LEU B 21 -13.37 6.26 26.09
C LEU B 21 -14.49 6.21 27.13
N THR B 22 -15.71 5.96 26.67
CA THR B 22 -16.89 6.02 27.53
C THR B 22 -17.04 4.72 28.31
N ARG B 23 -18.18 4.56 28.97
CA ARG B 23 -18.45 3.35 29.75
C ARG B 23 -18.55 2.12 28.86
N TRP B 24 -19.23 2.24 27.72
CA TRP B 24 -19.46 1.09 26.87
C TRP B 24 -18.16 0.55 26.30
N MET B 25 -17.21 1.43 26.00
CA MET B 25 -15.97 1.02 25.35
C MET B 25 -15.13 0.09 26.22
N LEU B 26 -14.99 0.41 27.50
CA LEU B 26 -14.11 -0.33 28.41
C LEU B 26 -14.93 -1.33 29.21
N ILE B 27 -14.53 -2.61 29.15
CA ILE B 27 -15.26 -3.65 29.86
C ILE B 27 -15.12 -3.43 31.37
N GLU B 28 -16.26 -3.25 32.04
CA GLU B 28 -16.33 -3.22 33.49
C GLU B 28 -15.32 -2.25 34.11
N ALA B 29 -15.16 -1.08 33.48
CA ALA B 29 -14.21 -0.11 34.02
C ALA B 29 -14.70 1.33 33.86
N GLU B 30 -15.98 1.53 33.61
CA GLU B 30 -16.60 2.86 33.58
C GLU B 30 -15.92 3.69 32.49
N LEU B 31 -15.59 4.96 32.75
CA LEU B 31 -15.07 5.88 31.75
C LEU B 31 -13.69 6.38 32.15
N LYS B 32 -12.78 6.40 31.19
CA LYS B 32 -11.45 6.97 31.37
C LYS B 32 -11.13 7.90 30.21
N CYS B 33 -10.39 8.96 30.51
CA CYS B 33 -10.03 9.98 29.54
C CYS B 33 -8.51 9.99 29.42
N PHE B 34 -8.01 10.02 28.18
CA PHE B 34 -6.58 9.85 27.94
C PHE B 34 -5.82 11.16 27.81
N GLY B 35 -6.30 12.09 26.99
CA GLY B 35 -5.58 13.32 26.77
C GLY B 35 -5.13 13.49 25.34
N ASN B 36 -4.77 14.72 24.95
CA ASN B 36 -4.41 14.99 23.57
C ASN B 36 -3.03 14.45 23.21
N THR B 37 -2.09 14.45 24.17
CA THR B 37 -0.72 14.04 23.86
C THR B 37 -0.67 12.57 23.48
N ALA B 38 -1.31 11.71 24.26
CA ALA B 38 -1.23 10.27 24.01
C ALA B 38 -1.88 9.91 22.68
N VAL B 39 -3.04 10.50 22.38
CA VAL B 39 -3.73 10.17 21.14
C VAL B 39 -3.00 10.76 19.93
N ALA B 40 -2.42 11.95 20.08
CA ALA B 40 -1.71 12.58 18.98
C ALA B 40 -0.30 12.04 18.79
N LYS B 41 0.19 11.22 19.73
CA LYS B 41 1.53 10.67 19.60
C LYS B 41 1.72 9.93 18.28
N CYS B 42 0.75 9.13 17.86
CA CYS B 42 0.92 8.32 16.65
C CYS B 42 0.39 9.01 15.39
N ASN B 43 0.45 10.33 15.33
CA ASN B 43 0.23 10.99 14.04
C ASN B 43 1.45 10.84 13.13
N GLU B 44 2.59 10.43 13.70
CA GLU B 44 3.75 10.01 12.93
C GLU B 44 4.13 8.55 13.17
N LYS B 45 3.64 7.92 14.23
CA LYS B 45 4.05 6.56 14.55
C LYS B 45 3.23 5.55 13.77
N HIS B 46 3.89 4.49 13.31
CA HIS B 46 3.24 3.40 12.61
C HIS B 46 3.35 2.07 13.36
N ASP B 47 3.84 2.10 14.60
CA ASP B 47 4.17 0.89 15.34
C ASP B 47 3.37 0.79 16.64
N GLU B 48 2.29 1.55 16.76
CA GLU B 48 1.42 1.49 17.93
C GLU B 48 0.08 0.87 17.53
N GLU B 49 -0.46 0.04 18.42
CA GLU B 49 -1.69 -0.69 18.15
C GLU B 49 -2.91 -0.05 18.79
N PHE B 50 -2.78 0.52 19.98
CA PHE B 50 -3.96 0.99 20.70
C PHE B 50 -4.55 2.24 20.06
N CYS B 51 -3.71 3.13 19.54
CA CYS B 51 -4.27 4.35 18.97
C CYS B 51 -4.94 4.06 17.64
N ASP B 52 -4.49 3.04 16.92
CA ASP B 52 -5.24 2.55 15.78
C ASP B 52 -6.62 2.05 16.21
N MET B 53 -6.68 1.34 17.33
CA MET B 53 -7.97 0.88 17.83
C MET B 53 -8.88 2.05 18.19
N LEU B 54 -8.35 3.09 18.83
CA LEU B 54 -9.22 4.21 19.16
C LEU B 54 -9.59 5.01 17.93
N ARG B 55 -8.77 4.99 16.88
CA ARG B 55 -9.20 5.53 15.59
C ARG B 55 -10.35 4.72 15.01
N LEU B 56 -10.31 3.39 15.15
CA LEU B 56 -11.47 2.59 14.76
C LEU B 56 -12.69 2.96 15.58
N PHE B 57 -12.51 3.19 16.88
CA PHE B 57 -13.62 3.60 17.75
C PHE B 57 -14.22 4.92 17.27
N ASP B 58 -13.36 5.89 16.96
CA ASP B 58 -13.86 7.20 16.54
C ASP B 58 -14.51 7.13 15.18
N PHE B 59 -13.98 6.31 14.27
CA PHE B 59 -14.65 6.12 12.99
C PHE B 59 -16.03 5.50 13.16
N ASN B 60 -16.13 4.50 14.03
CA ASN B 60 -17.45 3.91 14.31
C ASN B 60 -18.40 4.95 14.88
N LYS B 61 -17.93 5.79 15.81
CA LYS B 61 -18.79 6.80 16.41
C LYS B 61 -19.29 7.79 15.37
N GLN B 62 -18.38 8.26 14.51
CA GLN B 62 -18.78 9.14 13.42
C GLN B 62 -19.80 8.47 12.50
N ALA B 63 -19.54 7.22 12.11
CA ALA B 63 -20.44 6.52 11.20
C ALA B 63 -21.81 6.31 11.82
N ILE B 64 -21.89 6.17 13.14
CA ILE B 64 -23.19 5.97 13.79
C ILE B 64 -23.94 7.29 13.92
N GLN B 65 -23.27 8.33 14.43
CA GLN B 65 -24.02 9.54 14.77
C GLN B 65 -24.44 10.31 13.52
N ARG B 66 -23.61 10.29 12.48
CA ARG B 66 -23.80 11.15 11.32
C ARG B 66 -24.29 10.40 10.10
N LEU B 67 -24.55 9.10 10.22
CA LEU B 67 -25.31 8.35 9.23
C LEU B 67 -26.46 7.62 9.91
N LYS B 68 -27.11 6.71 9.20
CA LYS B 68 -28.19 5.92 9.76
C LYS B 68 -27.79 4.45 9.81
N ALA B 69 -28.06 3.80 10.93
CA ALA B 69 -27.68 2.40 11.09
C ALA B 69 -28.40 1.50 10.10
N GLU B 70 -29.72 1.67 9.97
CA GLU B 70 -30.58 1.00 9.01
C GLU B 70 -30.71 -0.50 9.32
N ALA B 71 -30.01 -1.00 10.35
CA ALA B 71 -30.04 -2.37 10.84
C ALA B 71 -29.33 -3.35 9.93
N GLN B 72 -28.78 -2.91 8.80
CA GLN B 72 -27.97 -3.76 7.94
C GLN B 72 -26.59 -3.15 7.77
N MET B 73 -25.57 -4.01 7.71
CA MET B 73 -24.19 -3.54 7.74
C MET B 73 -23.81 -2.84 6.45
N SER B 74 -23.00 -1.80 6.58
CA SER B 74 -22.35 -1.13 5.45
C SER B 74 -20.85 -1.37 5.57
N ILE B 75 -20.38 -2.50 5.03
CA ILE B 75 -18.96 -2.79 4.98
C ILE B 75 -18.19 -1.87 4.06
N GLN B 76 -18.90 -1.08 3.23
CA GLN B 76 -18.23 -0.20 2.29
C GLN B 76 -17.32 0.78 3.02
N LEU B 77 -17.85 1.41 4.08
CA LEU B 77 -17.09 2.43 4.80
C LEU B 77 -15.81 1.85 5.37
N ILE B 78 -15.90 0.70 6.04
CA ILE B 78 -14.73 0.15 6.69
C ILE B 78 -13.73 -0.35 5.64
N ASN B 79 -14.22 -0.97 4.56
CA ASN B 79 -13.30 -1.44 3.54
C ASN B 79 -12.59 -0.28 2.85
N LYS B 80 -13.26 0.87 2.70
CA LYS B 80 -12.59 2.03 2.12
C LYS B 80 -11.62 2.68 3.08
N ALA B 81 -11.98 2.77 4.36
CA ALA B 81 -11.22 3.58 5.31
C ALA B 81 -10.22 2.78 6.13
N VAL B 82 -10.13 1.46 5.95
CA VAL B 82 -9.26 0.67 6.81
C VAL B 82 -7.81 1.11 6.69
N ASN B 83 -7.36 1.43 5.47
CA ASN B 83 -6.02 1.94 5.31
C ASN B 83 -5.87 3.38 5.78
N ALA B 84 -6.97 4.11 5.92
CA ALA B 84 -6.92 5.46 6.43
C ALA B 84 -7.05 5.55 7.94
N LEU B 85 -7.36 4.43 8.61
CA LEU B 85 -7.54 4.41 10.06
C LEU B 85 -6.39 3.74 10.79
N ILE B 86 -5.94 2.58 10.30
CA ILE B 86 -4.95 1.77 11.00
C ILE B 86 -3.79 1.50 10.06
N ASN B 87 -2.64 1.16 10.66
CA ASN B 87 -1.51 0.70 9.88
C ASN B 87 -1.79 -0.69 9.32
N ASP B 88 -1.28 -0.95 8.12
CA ASP B 88 -1.63 -2.13 7.37
C ASP B 88 -0.71 -3.32 7.62
N GLN B 89 0.49 -3.08 8.15
CA GLN B 89 1.48 -4.14 8.33
C GLN B 89 1.87 -4.37 9.77
N LEU B 90 1.31 -3.60 10.71
CA LEU B 90 1.55 -3.89 12.12
C LEU B 90 0.95 -5.23 12.50
N ILE B 91 -0.23 -5.53 11.95
CA ILE B 91 -0.85 -6.84 12.15
C ILE B 91 0.03 -7.92 11.54
N MET B 92 0.68 -7.62 10.41
CA MET B 92 1.64 -8.55 9.84
C MET B 92 2.80 -8.81 10.78
N LYS B 93 3.33 -7.75 11.40
CA LYS B 93 4.43 -7.92 12.34
C LYS B 93 4.04 -8.80 13.50
N ASN B 94 2.81 -8.63 14.01
CA ASN B 94 2.40 -9.43 15.15
C ASN B 94 2.10 -10.86 14.74
N HIS B 95 1.57 -11.07 13.54
CA HIS B 95 1.40 -12.41 13.01
C HIS B 95 2.75 -13.12 12.87
N LEU B 96 3.77 -12.40 12.42
CA LEU B 96 5.10 -13.00 12.28
C LEU B 96 5.68 -13.36 13.64
N ARG B 97 5.64 -12.43 14.59
CA ARG B 97 6.06 -12.74 15.95
C ARG B 97 5.32 -13.96 16.50
N ASP B 98 4.04 -14.09 16.18
CA ASP B 98 3.29 -15.27 16.62
C ASP B 98 3.81 -16.55 15.97
N ILE B 99 4.04 -16.53 14.66
CA ILE B 99 4.51 -17.73 13.98
C ILE B 99 5.87 -18.15 14.50
N MET B 100 6.78 -17.18 14.67
CA MET B 100 8.13 -17.51 15.11
C MET B 100 8.15 -18.12 16.51
N GLY B 101 7.25 -17.68 17.37
CA GLY B 101 7.18 -18.19 18.73
C GLY B 101 7.58 -17.20 19.81
N ILE B 102 7.75 -15.92 19.47
CA ILE B 102 8.00 -14.88 20.45
C ILE B 102 6.63 -14.36 20.88
N PRO B 103 6.49 -13.76 22.07
CA PRO B 103 5.18 -13.22 22.47
C PRO B 103 4.66 -12.18 21.49
N TYR B 104 3.40 -12.34 21.10
CA TYR B 104 2.74 -11.45 20.17
C TYR B 104 1.64 -10.65 20.86
N CYS B 105 1.25 -9.56 20.21
CA CYS B 105 0.12 -8.76 20.68
C CYS B 105 -1.18 -9.53 20.63
N ASN B 106 -1.96 -9.45 21.70
CA ASN B 106 -3.30 -10.04 21.73
C ASN B 106 -4.29 -9.20 20.92
N TYR B 107 -4.22 -7.88 21.08
CA TYR B 107 -5.15 -6.87 20.55
C TYR B 107 -6.45 -6.79 21.34
N SER B 108 -6.53 -7.45 22.51
CA SER B 108 -7.66 -7.26 23.41
C SER B 108 -7.28 -6.51 24.67
N LYS B 109 -6.26 -6.97 25.39
CA LYS B 109 -5.79 -6.23 26.56
C LYS B 109 -4.69 -5.27 26.16
N TYR B 110 -4.74 -4.07 26.73
CA TYR B 110 -3.70 -3.07 26.58
C TYR B 110 -3.33 -2.55 27.96
N TRP B 111 -2.04 -2.35 28.18
CA TRP B 111 -1.55 -1.88 29.47
C TRP B 111 -0.92 -0.50 29.30
N TYR B 112 -1.07 0.32 30.33
CA TYR B 112 -0.55 1.68 30.31
C TYR B 112 -0.18 2.06 31.73
N LEU B 113 0.66 3.08 31.84
CA LEU B 113 1.16 3.54 33.14
C LEU B 113 0.38 4.80 33.53
N ASN B 114 -0.71 4.60 34.27
CA ASN B 114 -1.50 5.72 34.76
C ASN B 114 -0.75 6.45 35.85
N HIS B 115 -0.46 7.73 35.62
CA HIS B 115 0.14 8.57 36.65
C HIS B 115 -0.94 8.91 37.67
N THR B 116 -0.77 8.39 38.89
CA THR B 116 -1.84 8.45 39.88
C THR B 116 -2.19 9.89 40.26
N THR B 117 -1.17 10.71 40.53
CA THR B 117 -1.43 12.06 41.05
C THR B 117 -2.03 12.96 39.98
N THR B 118 -1.45 12.97 38.78
CA THR B 118 -1.86 13.90 37.74
C THR B 118 -2.87 13.31 36.77
N GLY B 119 -2.89 11.99 36.60
CA GLY B 119 -3.84 11.35 35.71
C GLY B 119 -3.40 11.25 34.27
N ARG B 120 -2.16 11.63 33.95
CA ARG B 120 -1.65 11.39 32.61
C ARG B 120 -1.49 9.89 32.37
N THR B 121 -1.46 9.52 31.09
CA THR B 121 -1.22 8.15 30.69
C THR B 121 -0.26 8.11 29.51
N SER B 122 0.59 7.09 29.48
CA SER B 122 1.23 6.72 28.23
C SER B 122 0.18 6.16 27.27
N LEU B 123 0.50 6.20 25.99
CA LEU B 123 -0.34 5.54 25.03
C LEU B 123 -0.30 4.04 25.31
N PRO B 124 -1.42 3.41 25.64
CA PRO B 124 -1.40 1.99 26.00
C PRO B 124 -0.84 1.14 24.86
N LYS B 125 -0.08 0.11 25.23
CA LYS B 125 0.45 -0.82 24.25
C LYS B 125 0.08 -2.24 24.64
N CYS B 126 0.11 -3.11 23.65
CA CYS B 126 -0.50 -4.43 23.76
C CYS B 126 0.18 -5.26 24.84
N TRP B 127 -0.65 -5.95 25.63
CA TRP B 127 -0.17 -6.93 26.59
C TRP B 127 0.20 -8.22 25.83
N LEU B 128 1.48 -8.58 25.86
CA LEU B 128 1.95 -9.73 25.12
C LEU B 128 1.30 -11.02 25.62
N VAL B 129 0.89 -11.87 24.67
CA VAL B 129 0.34 -13.17 24.95
C VAL B 129 1.20 -14.24 24.29
N SER B 130 1.47 -15.32 25.01
CA SER B 130 2.32 -16.39 24.49
C SER B 130 1.87 -17.72 25.07
N ASN B 131 2.19 -18.79 24.36
CA ASN B 131 1.99 -20.16 24.85
C ASN B 131 0.55 -20.39 25.28
N GLY B 132 -0.38 -19.63 24.69
CA GLY B 132 -1.77 -19.74 25.06
C GLY B 132 -2.13 -19.05 26.35
N SER B 133 -1.31 -18.11 26.83
CA SER B 133 -1.63 -17.40 28.06
C SER B 133 -0.98 -16.03 28.03
N TYR B 134 -1.45 -15.15 28.91
CA TYR B 134 -0.82 -13.86 29.10
C TYR B 134 0.55 -13.99 29.74
N LEU B 135 1.51 -13.22 29.24
CA LEU B 135 2.81 -13.15 29.89
C LEU B 135 2.69 -12.55 31.28
N ASN B 136 3.43 -13.12 32.21
CA ASN B 136 3.54 -12.56 33.54
C ASN B 136 4.16 -11.16 33.50
N GLU B 137 3.66 -10.29 34.37
CA GLU B 137 4.18 -8.93 34.50
C GLU B 137 5.67 -8.91 34.81
N THR B 138 6.20 -9.97 35.42
CA THR B 138 7.65 -10.05 35.64
C THR B 138 8.40 -10.19 34.32
N HIS B 139 7.84 -10.91 33.36
CA HIS B 139 8.56 -11.21 32.12
C HIS B 139 8.91 -9.95 31.34
N PHE B 140 7.95 -9.03 31.18
CA PHE B 140 8.19 -7.80 30.43
C PHE B 140 8.34 -6.59 31.33
N SER B 141 8.73 -6.80 32.58
CA SER B 141 9.04 -5.69 33.48
C SER B 141 10.02 -4.71 32.84
N ASP B 142 11.01 -5.24 32.12
CA ASP B 142 11.97 -4.37 31.45
C ASP B 142 11.30 -3.41 30.49
N ASP B 143 10.34 -3.91 29.69
CA ASP B 143 9.59 -3.02 28.80
C ASP B 143 8.80 -1.99 29.60
N ILE B 144 8.31 -2.37 30.77
CA ILE B 144 7.57 -1.43 31.60
C ILE B 144 8.47 -0.27 32.03
N GLU B 145 9.68 -0.60 32.53
CA GLU B 145 10.58 0.49 32.88
C GLU B 145 11.06 1.26 31.65
N GLN B 146 11.05 0.61 30.48
CA GLN B 146 11.35 1.33 29.25
C GLN B 146 10.33 2.43 29.03
N GLN B 147 9.04 2.06 29.11
CA GLN B 147 7.99 3.03 28.89
C GLN B 147 8.00 4.11 29.97
N ALA B 148 8.33 3.73 31.20
CA ALA B 148 8.41 4.71 32.28
C ALA B 148 9.47 5.76 31.97
N ASP B 149 10.65 5.29 31.54
CA ASP B 149 11.73 6.21 31.18
C ASP B 149 11.31 7.07 29.99
N ASN B 150 10.63 6.47 29.01
CA ASN B 150 10.18 7.24 27.86
C ASN B 150 9.24 8.34 28.30
N MET B 151 8.28 8.01 29.19
CA MET B 151 7.30 9.00 29.62
C MET B 151 8.00 10.14 30.33
N ILE B 152 8.92 9.81 31.24
CA ILE B 152 9.60 10.86 32.00
C ILE B 152 10.38 11.76 31.06
N THR B 153 11.12 11.17 30.12
CA THR B 153 11.94 11.98 29.22
C THR B 153 11.07 12.86 28.34
N GLU B 154 10.00 12.30 27.77
CA GLU B 154 9.15 13.07 26.87
C GLU B 154 8.49 14.22 27.64
N MET B 155 8.00 13.94 28.84
CA MET B 155 7.33 14.98 29.61
C MET B 155 8.29 16.10 29.95
N LEU B 156 9.48 15.75 30.43
CA LEU B 156 10.44 16.78 30.82
C LEU B 156 10.85 17.61 29.61
N GLN B 157 11.07 16.96 28.46
CA GLN B 157 11.48 17.68 27.27
C GLN B 157 10.38 18.63 26.78
N LYS B 158 9.15 18.14 26.71
CA LYS B 158 8.05 18.98 26.26
C LYS B 158 7.78 20.15 27.22
N GLU B 159 7.87 19.90 28.54
CA GLU B 159 7.63 20.99 29.48
C GLU B 159 8.61 22.14 29.30
N TYR B 160 9.89 21.83 29.11
CA TYR B 160 10.89 22.86 28.89
C TYR B 160 10.70 23.54 27.54
N GLY C 1 0.40 0.89 4.10
CA GLY C 1 1.09 1.05 5.36
C GLY C 1 2.58 1.27 5.19
N THR C 2 3.33 1.08 6.28
CA THR C 2 4.78 1.23 6.26
C THR C 2 5.41 0.00 6.89
N PHE C 3 6.74 -0.02 6.93
CA PHE C 3 7.45 -1.12 7.57
C PHE C 3 7.24 -1.07 9.08
N THR C 4 7.19 -2.25 9.69
CA THR C 4 7.04 -2.35 11.13
C THR C 4 8.05 -3.28 11.79
N TRP C 5 8.88 -3.99 11.02
CA TRP C 5 9.84 -4.91 11.60
C TRP C 5 10.86 -4.18 12.45
N THR C 6 11.28 -4.83 13.53
CA THR C 6 12.26 -4.29 14.46
C THR C 6 13.51 -5.15 14.43
N LEU C 7 14.65 -4.51 14.66
CA LEU C 7 15.92 -5.20 14.51
C LEU C 7 16.19 -6.09 15.72
N SER C 8 16.53 -7.34 15.44
CA SER C 8 16.83 -8.28 16.51
C SER C 8 18.12 -7.89 17.23
N ASP C 9 18.19 -8.25 18.50
CA ASP C 9 19.38 -7.97 19.29
C ASP C 9 20.61 -8.61 18.65
N SER C 10 21.68 -7.84 18.57
CA SER C 10 22.91 -8.27 17.89
C SER C 10 23.99 -8.52 18.93
N GLU C 11 24.73 -9.63 18.75
CA GLU C 11 25.76 -10.03 19.71
C GLU C 11 27.06 -9.29 19.43
N GLY C 12 26.99 -7.96 19.56
CA GLY C 12 28.15 -7.11 19.46
C GLY C 12 28.38 -6.33 20.74
N LYS C 13 29.54 -6.53 21.37
CA LYS C 13 29.82 -5.89 22.64
C LYS C 13 29.87 -4.38 22.52
N ASP C 14 30.53 -3.88 21.45
CA ASP C 14 30.63 -2.44 21.26
C ASP C 14 29.26 -1.82 20.97
N THR C 15 28.44 -2.51 20.16
CA THR C 15 27.15 -1.99 19.72
C THR C 15 26.04 -2.89 20.23
N PRO C 16 25.45 -2.59 21.39
CA PRO C 16 24.43 -3.47 21.97
C PRO C 16 23.16 -3.54 21.14
N GLY C 17 22.66 -2.39 20.69
CA GLY C 17 21.37 -2.34 20.03
C GLY C 17 21.43 -2.13 18.54
N GLY C 18 22.63 -2.10 17.96
CA GLY C 18 22.81 -1.81 16.55
C GLY C 18 23.25 -3.04 15.78
N TYR C 19 22.59 -3.27 14.64
CA TYR C 19 22.89 -4.43 13.81
C TYR C 19 24.34 -4.40 13.36
N CYS C 20 25.09 -5.43 13.74
CA CYS C 20 26.48 -5.59 13.34
C CYS C 20 26.60 -6.67 12.27
N LEU C 21 27.24 -6.33 11.15
CA LEU C 21 27.38 -7.26 10.02
C LEU C 21 28.60 -8.14 10.20
N THR C 22 28.41 -9.44 10.03
CA THR C 22 29.46 -10.41 10.30
C THR C 22 30.41 -10.52 9.09
N ARG C 23 31.28 -11.52 9.13
CA ARG C 23 32.22 -11.73 8.03
C ARG C 23 31.51 -12.12 6.75
N TRP C 24 30.51 -13.00 6.84
CA TRP C 24 29.85 -13.51 5.65
C TRP C 24 29.11 -12.40 4.92
N MET C 25 28.55 -11.45 5.66
CA MET C 25 27.70 -10.41 5.05
C MET C 25 28.50 -9.50 4.12
N LEU C 26 29.69 -9.08 4.54
CA LEU C 26 30.49 -8.11 3.79
C LEU C 26 31.54 -8.83 2.95
N ILE C 27 31.55 -8.58 1.64
CA ILE C 27 32.49 -9.24 0.75
C ILE C 27 33.90 -8.78 1.09
N GLU C 28 34.75 -9.74 1.46
CA GLU C 28 36.19 -9.51 1.62
C GLU C 28 36.50 -8.32 2.52
N ALA C 29 35.72 -8.18 3.61
CA ALA C 29 35.95 -7.06 4.51
C ALA C 29 35.75 -7.44 5.97
N GLU C 30 35.72 -8.72 6.30
CA GLU C 30 35.67 -9.21 7.68
C GLU C 30 34.38 -8.67 8.33
N LEU C 31 34.45 -8.20 9.57
CA LEU C 31 33.26 -7.81 10.34
C LEU C 31 33.33 -6.33 10.71
N LYS C 32 32.22 -5.63 10.54
CA LYS C 32 32.08 -4.25 10.97
C LYS C 32 30.78 -4.09 11.76
N CYS C 33 30.82 -3.21 12.76
CA CYS C 33 29.70 -2.96 13.64
C CYS C 33 29.30 -1.50 13.47
N PHE C 34 27.99 -1.26 13.33
CA PHE C 34 27.51 0.07 12.99
C PHE C 34 27.09 0.90 14.19
N GLY C 35 26.28 0.36 15.09
CA GLY C 35 25.79 1.13 16.22
C GLY C 35 24.29 1.30 16.21
N ASN C 36 23.71 1.68 17.35
CA ASN C 36 22.27 1.79 17.45
C ASN C 36 21.71 3.02 16.73
N THR C 37 22.46 4.12 16.72
CA THR C 37 21.95 5.35 16.13
C THR C 37 21.72 5.19 14.63
N ALA C 38 22.70 4.65 13.91
CA ALA C 38 22.59 4.53 12.47
C ALA C 38 21.46 3.62 12.06
N VAL C 39 21.33 2.48 12.75
CA VAL C 39 20.28 1.53 12.39
C VAL C 39 18.90 2.04 12.79
N ALA C 40 18.82 2.76 13.91
CA ALA C 40 17.54 3.29 14.37
C ALA C 40 17.15 4.56 13.65
N LYS C 41 18.05 5.16 12.87
CA LYS C 41 17.73 6.39 12.16
C LYS C 41 16.48 6.25 11.30
N CYS C 42 16.34 5.14 10.57
CA CYS C 42 15.22 4.99 9.65
C CYS C 42 14.03 4.28 10.28
N ASN C 43 13.80 4.44 11.58
CA ASN C 43 12.51 4.05 12.13
C ASN C 43 11.42 5.03 11.77
N GLU C 44 11.80 6.22 11.29
CA GLU C 44 10.88 7.16 10.67
C GLU C 44 11.19 7.45 9.21
N LYS C 45 12.39 7.12 8.73
CA LYS C 45 12.78 7.47 7.38
C LYS C 45 12.27 6.41 6.40
N HIS C 46 11.80 6.86 5.23
CA HIS C 46 11.37 5.98 4.15
C HIS C 46 12.23 6.13 2.91
N ASP C 47 13.34 6.87 2.99
CA ASP C 47 14.13 7.22 1.82
C ASP C 47 15.56 6.69 1.92
N GLU C 48 15.81 5.73 2.80
CA GLU C 48 17.11 5.11 2.94
C GLU C 48 17.05 3.67 2.44
N GLU C 49 18.11 3.24 1.76
CA GLU C 49 18.15 1.93 1.15
C GLU C 49 18.94 0.91 1.97
N PHE C 50 20.02 1.33 2.63
CA PHE C 50 20.89 0.37 3.29
C PHE C 50 20.24 -0.22 4.53
N CYS C 51 19.48 0.58 5.28
CA CYS C 51 18.90 0.03 6.49
C CYS C 51 17.76 -0.92 6.17
N ASP C 52 17.08 -0.71 5.04
CA ASP C 52 16.17 -1.72 4.53
C ASP C 52 16.90 -3.02 4.23
N MET C 53 18.09 -2.93 3.63
CA MET C 53 18.87 -4.13 3.37
C MET C 53 19.26 -4.84 4.66
N LEU C 54 19.68 -4.09 5.68
CA LEU C 54 20.04 -4.77 6.92
C LEU C 54 18.82 -5.31 7.65
N ARG C 55 17.65 -4.72 7.44
CA ARG C 55 16.42 -5.34 7.90
C ARG C 55 16.16 -6.66 7.18
N LEU C 56 16.43 -6.71 5.88
CA LEU C 56 16.36 -7.99 5.18
C LEU C 56 17.35 -8.99 5.76
N PHE C 57 18.56 -8.53 6.07
CA PHE C 57 19.57 -9.40 6.68
C PHE C 57 19.08 -9.96 8.01
N ASP C 58 18.51 -9.10 8.85
CA ASP C 58 18.05 -9.54 10.16
C ASP C 58 16.85 -10.47 10.05
N PHE C 59 15.96 -10.21 9.09
CA PHE C 59 14.85 -11.13 8.87
C PHE C 59 15.34 -12.50 8.42
N ASN C 60 16.33 -12.52 7.52
CA ASN C 60 16.91 -13.80 7.11
C ASN C 60 17.54 -14.52 8.29
N LYS C 61 18.26 -13.80 9.14
CA LYS C 61 18.90 -14.43 10.30
C LYS C 61 17.87 -15.03 11.25
N GLN C 62 16.81 -14.28 11.53
CA GLN C 62 15.72 -14.80 12.36
C GLN C 62 15.09 -16.04 11.72
N ALA C 63 14.80 -15.97 10.42
CA ALA C 63 14.17 -17.10 9.75
C ALA C 63 15.05 -18.34 9.75
N ILE C 64 16.37 -18.16 9.73
CA ILE C 64 17.26 -19.31 9.74
C ILE C 64 17.40 -19.90 11.14
N GLN C 65 17.65 -19.05 12.14
CA GLN C 65 18.00 -19.61 13.44
C GLN C 65 16.78 -20.19 14.15
N ARG C 66 15.60 -19.59 13.93
CA ARG C 66 14.41 -19.93 14.72
C ARG C 66 13.40 -20.73 13.91
N LEU C 67 13.71 -21.07 12.66
CA LEU C 67 12.96 -22.07 11.92
C LEU C 67 13.93 -23.13 11.39
N LYS C 68 13.46 -23.99 10.50
CA LYS C 68 14.31 -25.00 9.88
C LYS C 68 14.41 -24.73 8.39
N ALA C 69 15.64 -24.84 7.87
CA ALA C 69 15.88 -24.56 6.46
C ALA C 69 15.14 -25.55 5.56
N GLU C 70 15.25 -26.85 5.87
CA GLU C 70 14.55 -27.94 5.21
C GLU C 70 15.04 -28.13 3.77
N ALA C 71 15.97 -27.30 3.29
CA ALA C 71 16.60 -27.35 1.98
C ALA C 71 15.68 -26.93 0.84
N GLN C 72 14.43 -26.58 1.12
CA GLN C 72 13.52 -26.04 0.11
C GLN C 72 13.03 -24.67 0.55
N MET C 73 12.87 -23.77 -0.41
CA MET C 73 12.59 -22.37 -0.10
C MET C 73 11.18 -22.19 0.43
N SER C 74 11.04 -21.28 1.39
CA SER C 74 9.74 -20.82 1.87
C SER C 74 9.59 -19.35 1.49
N ILE C 75 9.11 -19.11 0.26
CA ILE C 75 8.82 -17.75 -0.19
C ILE C 75 7.67 -17.10 0.56
N GLN C 76 6.92 -17.89 1.34
CA GLN C 76 5.78 -17.35 2.06
C GLN C 76 6.21 -16.23 3.00
N LEU C 77 7.28 -16.47 3.77
CA LEU C 77 7.72 -15.49 4.76
C LEU C 77 8.10 -14.18 4.10
N ILE C 78 8.89 -14.24 3.03
CA ILE C 78 9.36 -13.01 2.41
C ILE C 78 8.21 -12.29 1.71
N ASN C 79 7.31 -13.04 1.06
CA ASN C 79 6.18 -12.39 0.41
C ASN C 79 5.25 -11.74 1.41
N LYS C 80 5.12 -12.31 2.60
CA LYS C 80 4.28 -11.68 3.62
C LYS C 80 4.98 -10.47 4.24
N ALA C 81 6.28 -10.55 4.50
CA ALA C 81 6.98 -9.55 5.28
C ALA C 81 7.68 -8.48 4.46
N VAL C 82 7.63 -8.55 3.13
CA VAL C 82 8.39 -7.60 2.32
C VAL C 82 7.94 -6.17 2.59
N ASN C 83 6.63 -5.96 2.75
CA ASN C 83 6.16 -4.62 3.09
C ASN C 83 6.44 -4.26 4.54
N ALA C 84 6.71 -5.24 5.40
CA ALA C 84 7.05 -4.96 6.79
C ALA C 84 8.54 -4.78 7.01
N LEU C 85 9.37 -5.05 6.01
CA LEU C 85 10.82 -4.94 6.13
C LEU C 85 11.38 -3.74 5.40
N ILE C 86 10.95 -3.49 4.16
CA ILE C 86 11.52 -2.47 3.31
C ILE C 86 10.42 -1.54 2.83
N ASN C 87 10.83 -0.33 2.43
CA ASN C 87 9.91 0.57 1.77
C ASN C 87 9.56 0.06 0.38
N ASP C 88 8.32 0.30 -0.04
CA ASP C 88 7.79 -0.30 -1.25
C ASP C 88 7.99 0.54 -2.50
N GLN C 89 8.25 1.83 -2.35
CA GLN C 89 8.34 2.73 -3.48
C GLN C 89 9.71 3.39 -3.63
N LEU C 90 10.64 3.10 -2.73
CA LEU C 90 12.00 3.58 -2.91
C LEU C 90 12.63 2.95 -4.14
N ILE C 91 12.36 1.66 -4.35
CA ILE C 91 12.80 0.99 -5.57
C ILE C 91 12.16 1.62 -6.79
N MET C 92 10.90 2.05 -6.66
CA MET C 92 10.26 2.79 -7.74
C MET C 92 10.99 4.09 -8.03
N LYS C 93 11.38 4.82 -6.99
CA LYS C 93 12.09 6.07 -7.20
C LYS C 93 13.42 5.84 -7.92
N ASN C 94 14.12 4.76 -7.57
CA ASN C 94 15.40 4.52 -8.23
C ASN C 94 15.21 4.01 -9.64
N HIS C 95 14.16 3.22 -9.89
CA HIS C 95 13.83 2.84 -11.25
C HIS C 95 13.52 4.06 -12.11
N LEU C 96 12.80 5.04 -11.55
CA LEU C 96 12.48 6.25 -12.31
C LEU C 96 13.73 7.05 -12.61
N ARG C 97 14.56 7.30 -11.60
CA ARG C 97 15.84 7.95 -11.84
C ARG C 97 16.65 7.22 -12.91
N ASP C 98 16.59 5.89 -12.94
CA ASP C 98 17.30 5.14 -13.97
C ASP C 98 16.71 5.41 -15.35
N ILE C 99 15.38 5.37 -15.47
CA ILE C 99 14.76 5.58 -16.77
C ILE C 99 15.04 6.98 -17.30
N MET C 100 14.94 7.99 -16.43
CA MET C 100 15.15 9.36 -16.86
C MET C 100 16.57 9.60 -17.34
N GLY C 101 17.54 8.95 -16.73
CA GLY C 101 18.94 9.10 -17.10
C GLY C 101 19.80 9.80 -16.07
N ILE C 102 19.30 10.00 -14.86
CA ILE C 102 20.09 10.54 -13.77
C ILE C 102 20.72 9.33 -13.06
N PRO C 103 21.84 9.49 -12.34
CA PRO C 103 22.42 8.35 -11.63
C PRO C 103 21.46 7.74 -10.64
N TYR C 104 21.34 6.42 -10.69
CA TYR C 104 20.45 5.66 -9.81
C TYR C 104 21.24 4.81 -8.85
N CYS C 105 20.57 4.39 -7.77
CA CYS C 105 21.15 3.46 -6.82
C CYS C 105 21.43 2.10 -7.45
N ASN C 106 22.62 1.57 -7.18
CA ASN C 106 22.96 0.22 -7.62
C ASN C 106 22.28 -0.84 -6.75
N TYR C 107 22.27 -0.61 -5.42
CA TYR C 107 21.82 -1.54 -4.37
C TYR C 107 22.84 -2.63 -4.08
N SER C 108 24.05 -2.54 -4.62
CA SER C 108 25.14 -3.44 -4.24
C SER C 108 26.22 -2.75 -3.42
N LYS C 109 26.77 -1.66 -3.92
CA LYS C 109 27.74 -0.90 -3.14
C LYS C 109 27.04 0.19 -2.34
N TYR C 110 27.48 0.35 -1.10
CA TYR C 110 27.02 1.44 -0.24
C TYR C 110 28.24 2.12 0.36
N TRP C 111 28.19 3.44 0.43
CA TRP C 111 29.30 4.21 0.96
C TRP C 111 28.87 4.92 2.23
N TYR C 112 29.81 5.06 3.15
CA TYR C 112 29.55 5.69 4.43
C TYR C 112 30.82 6.37 4.90
N LEU C 113 30.66 7.30 5.83
CA LEU C 113 31.78 8.09 6.35
C LEU C 113 32.17 7.52 7.71
N ASN C 114 33.12 6.58 7.70
CA ASN C 114 33.62 6.02 8.94
C ASN C 114 34.48 7.03 9.69
N HIS C 115 34.05 7.39 10.89
CA HIS C 115 34.85 8.25 11.76
C HIS C 115 36.03 7.45 12.28
N THR C 116 37.24 7.81 11.87
CA THR C 116 38.40 6.96 12.14
C THR C 116 38.67 6.83 13.64
N THR C 117 38.66 7.95 14.36
CA THR C 117 39.07 7.93 15.76
C THR C 117 38.05 7.21 16.64
N THR C 118 36.76 7.53 16.47
CA THR C 118 35.72 7.00 17.34
C THR C 118 35.03 5.77 16.78
N GLY C 119 35.02 5.61 15.47
CA GLY C 119 34.40 4.44 14.86
C GLY C 119 32.92 4.57 14.59
N ARG C 120 32.33 5.75 14.79
CA ARG C 120 30.95 5.96 14.38
C ARG C 120 30.84 5.93 12.86
N THR C 121 29.63 5.68 12.38
CA THR C 121 29.35 5.70 10.96
C THR C 121 28.02 6.39 10.71
N SER C 122 27.93 7.12 9.60
CA SER C 122 26.64 7.46 9.05
C SER C 122 25.96 6.20 8.53
N LEU C 123 24.64 6.27 8.43
CA LEU C 123 23.93 5.19 7.77
C LEU C 123 24.36 5.15 6.31
N PRO C 124 24.97 4.05 5.84
CA PRO C 124 25.46 4.02 4.46
C PRO C 124 24.35 4.26 3.45
N LYS C 125 24.67 4.97 2.39
CA LYS C 125 23.71 5.22 1.32
C LYS C 125 24.32 4.81 0.00
N CYS C 126 23.44 4.56 -0.96
CA CYS C 126 23.81 3.86 -2.19
C CYS C 126 24.83 4.66 -3.00
N TRP C 127 25.83 3.95 -3.51
CA TRP C 127 26.78 4.53 -4.46
C TRP C 127 26.11 4.62 -5.83
N LEU C 128 25.94 5.84 -6.33
CA LEU C 128 25.25 6.05 -7.59
C LEU C 128 25.99 5.40 -8.75
N VAL C 129 25.24 4.73 -9.61
CA VAL C 129 25.77 4.12 -10.83
C VAL C 129 25.07 4.73 -12.04
N SER C 130 25.83 5.05 -13.07
CA SER C 130 25.28 5.67 -14.27
C SER C 130 26.08 5.23 -15.48
N ASN C 131 25.44 5.30 -16.65
CA ASN C 131 26.10 5.08 -17.94
C ASN C 131 26.83 3.74 -17.96
N GLY C 132 26.35 2.79 -17.17
CA GLY C 132 26.98 1.49 -17.08
C GLY C 132 28.24 1.46 -16.25
N SER C 133 28.45 2.44 -15.38
CA SER C 133 29.63 2.45 -14.52
C SER C 133 29.32 3.20 -13.24
N TYR C 134 30.18 2.99 -12.25
CA TYR C 134 30.10 3.76 -11.01
C TYR C 134 30.48 5.21 -11.25
N LEU C 135 29.73 6.12 -10.63
CA LEU C 135 30.11 7.53 -10.64
C LEU C 135 31.41 7.74 -9.91
N ASN C 136 32.25 8.60 -10.48
CA ASN C 136 33.47 9.02 -9.82
C ASN C 136 33.16 9.75 -8.51
N GLU C 137 34.01 9.51 -7.51
CA GLU C 137 33.89 10.17 -6.22
C GLU C 137 33.90 11.69 -6.33
N THR C 138 34.51 12.23 -7.38
CA THR C 138 34.46 13.68 -7.60
C THR C 138 33.05 14.14 -7.94
N HIS C 139 32.29 13.34 -8.69
CA HIS C 139 30.98 13.76 -9.17
C HIS C 139 30.01 14.06 -8.02
N PHE C 140 29.94 13.18 -7.03
CA PHE C 140 29.02 13.38 -5.91
C PHE C 140 29.76 13.80 -4.63
N SER C 141 30.92 14.42 -4.78
CA SER C 141 31.62 15.00 -3.64
C SER C 141 30.71 15.92 -2.83
N ASP C 142 29.86 16.69 -3.52
CA ASP C 142 28.94 17.58 -2.83
C ASP C 142 28.01 16.81 -1.90
N ASP C 143 27.49 15.68 -2.35
CA ASP C 143 26.66 14.85 -1.47
C ASP C 143 27.47 14.33 -0.29
N ILE C 144 28.76 14.05 -0.51
CA ILE C 144 29.61 13.58 0.59
C ILE C 144 29.73 14.65 1.65
N GLU C 145 30.01 15.90 1.25
CA GLU C 145 30.07 16.96 2.26
C GLU C 145 28.70 17.24 2.85
N GLN C 146 27.63 16.93 2.12
CA GLN C 146 26.29 17.05 2.68
C GLN C 146 26.16 16.11 3.87
N GLN C 147 26.51 14.83 3.65
CA GLN C 147 26.39 13.85 4.71
C GLN C 147 27.32 14.18 5.87
N ALA C 148 28.50 14.72 5.57
CA ALA C 148 29.43 15.09 6.63
C ALA C 148 28.82 16.17 7.51
N ASP C 149 28.23 17.19 6.89
CA ASP C 149 27.57 18.25 7.65
C ASP C 149 26.39 17.69 8.44
N ASN C 150 25.63 16.77 7.84
CA ASN C 150 24.52 16.17 8.54
C ASN C 150 25.01 15.43 9.78
N MET C 151 26.09 14.66 9.63
CA MET C 151 26.59 13.87 10.76
C MET C 151 27.03 14.80 11.87
N ILE C 152 27.78 15.85 11.53
CA ILE C 152 28.27 16.76 12.56
C ILE C 152 27.11 17.42 13.28
N THR C 153 26.12 17.90 12.53
CA THR C 153 25.00 18.59 13.17
C THR C 153 24.21 17.65 14.06
N GLU C 154 23.92 16.44 13.56
CA GLU C 154 23.12 15.50 14.35
C GLU C 154 23.85 15.12 15.62
N MET C 155 25.16 14.86 15.51
CA MET C 155 25.92 14.44 16.67
C MET C 155 25.95 15.55 17.70
N LEU C 156 26.24 16.79 17.26
CA LEU C 156 26.32 17.88 18.22
C LEU C 156 24.97 18.12 18.89
N GLN C 157 23.88 18.04 18.12
CA GLN C 157 22.55 18.28 18.68
C GLN C 157 22.18 17.20 19.69
N LYS C 158 22.42 15.93 19.35
CA LYS C 158 22.10 14.84 20.26
C LYS C 158 22.95 14.87 21.53
N GLU C 159 24.24 15.21 21.40
CA GLU C 159 25.10 15.26 22.57
C GLU C 159 24.61 16.29 23.59
N TYR C 160 24.22 17.47 23.13
CA TYR C 160 23.69 18.49 24.02
C TYR C 160 22.33 18.10 24.59
N THR D 59 -8.08 42.54 2.22
CA THR D 59 -9.28 41.71 2.11
C THR D 59 -9.42 40.79 3.31
N SER D 60 -8.69 39.68 3.28
CA SER D 60 -8.70 38.68 4.35
C SER D 60 -7.32 38.74 5.03
N LEU D 61 -7.23 39.54 6.08
CA LEU D 61 -5.99 39.73 6.82
C LEU D 61 -6.11 39.09 8.19
N TYR D 62 -5.17 38.22 8.53
CA TYR D 62 -5.14 37.52 9.81
C TYR D 62 -3.90 37.89 10.61
N LYS D 63 -4.06 37.86 11.93
CA LYS D 63 -3.11 38.43 12.88
C LYS D 63 -2.85 39.89 12.50
N GLY D 64 -1.62 40.22 12.14
CA GLY D 64 -1.32 41.58 11.72
C GLY D 64 -0.80 41.68 10.30
N VAL D 65 -0.14 40.62 9.82
CA VAL D 65 0.51 40.66 8.51
C VAL D 65 0.12 39.47 7.62
N TYR D 66 -0.28 38.34 8.17
CA TYR D 66 -0.61 37.19 7.34
C TYR D 66 -1.89 37.44 6.56
N GLU D 67 -1.88 37.04 5.29
CA GLU D 67 -2.99 37.32 4.37
C GLU D 67 -3.47 36.01 3.75
N LEU D 68 -4.79 35.91 3.55
CA LEU D 68 -5.37 34.73 2.93
C LEU D 68 -5.31 34.87 1.41
N GLN D 69 -4.09 34.76 0.90
CA GLN D 69 -3.89 34.69 -0.54
C GLN D 69 -4.15 33.26 -1.00
N THR D 70 -4.90 33.12 -2.09
CA THR D 70 -5.36 31.82 -2.54
C THR D 70 -4.76 31.46 -3.88
N LEU D 71 -4.77 30.16 -4.18
CA LEU D 71 -4.23 29.62 -5.40
C LEU D 71 -5.34 28.96 -6.20
N GLU D 72 -5.34 29.14 -7.51
CA GLU D 72 -6.23 28.43 -8.42
C GLU D 72 -5.33 27.72 -9.43
N LEU D 73 -4.98 26.47 -9.13
CA LEU D 73 -4.03 25.73 -9.95
C LEU D 73 -4.63 25.44 -11.31
N ASN D 74 -3.96 25.92 -12.36
CA ASN D 74 -4.34 25.59 -13.73
C ASN D 74 -3.91 24.17 -14.03
N MET D 75 -4.84 23.24 -13.96
CA MET D 75 -4.48 21.84 -14.11
C MET D 75 -4.39 21.42 -15.57
N GLU D 76 -4.69 22.34 -16.50
CA GLU D 76 -4.45 22.06 -17.91
C GLU D 76 -2.98 21.86 -18.21
N THR D 77 -2.11 22.35 -17.34
CA THR D 77 -0.67 22.12 -17.50
C THR D 77 -0.31 20.65 -17.32
N LEU D 78 -1.22 19.83 -16.80
CA LEU D 78 -0.97 18.40 -16.67
C LEU D 78 -1.68 17.59 -17.75
N ASN D 79 -2.09 18.25 -18.84
CA ASN D 79 -2.80 17.55 -19.92
C ASN D 79 -1.92 16.53 -20.63
N MET D 80 -0.60 16.67 -20.57
CA MET D 80 0.31 15.82 -21.31
C MET D 80 0.68 14.53 -20.58
N THR D 81 0.31 14.39 -19.31
CA THR D 81 0.64 13.18 -18.55
C THR D 81 -0.53 12.60 -17.78
N MET D 82 -1.55 13.39 -17.44
CA MET D 82 -2.59 12.96 -16.52
C MET D 82 -3.96 13.30 -17.10
N PRO D 83 -4.94 12.41 -16.93
CA PRO D 83 -6.30 12.75 -17.35
C PRO D 83 -6.99 13.65 -16.33
N LEU D 84 -7.73 14.62 -16.84
CA LEU D 84 -8.35 15.66 -16.01
C LEU D 84 -9.87 15.55 -16.07
N SER D 85 -10.51 15.70 -14.92
CA SER D 85 -11.95 15.54 -14.78
C SER D 85 -12.62 16.89 -14.55
N CYS D 86 -13.61 17.21 -15.37
CA CYS D 86 -14.39 18.43 -15.14
C CYS D 86 -15.75 18.29 -15.80
N THR D 87 -16.72 19.06 -15.32
CA THR D 87 -18.10 18.88 -15.75
C THR D 87 -18.76 20.21 -16.08
N LYS D 88 -19.85 20.12 -16.82
CA LYS D 88 -20.49 21.28 -17.46
C LYS D 88 -21.77 21.74 -16.78
N ASN D 89 -22.73 20.83 -16.54
CA ASN D 89 -24.02 21.24 -16.00
C ASN D 89 -24.53 20.28 -14.94
N ASN D 90 -23.63 19.68 -14.17
CA ASN D 90 -23.92 18.73 -13.09
C ASN D 90 -24.46 17.40 -13.60
N SER D 91 -24.69 17.26 -14.90
CA SER D 91 -25.10 16.01 -15.49
C SER D 91 -24.18 15.52 -16.60
N HIS D 92 -23.40 16.41 -17.21
CA HIS D 92 -22.41 16.05 -18.22
C HIS D 92 -21.03 16.21 -17.60
N HIS D 93 -20.46 15.10 -17.17
CA HIS D 93 -19.13 15.03 -16.60
C HIS D 93 -18.15 14.66 -17.71
N TYR D 94 -16.87 14.97 -17.51
CA TYR D 94 -15.95 14.71 -18.60
C TYR D 94 -14.61 14.29 -18.05
N ILE D 95 -13.90 13.48 -18.84
CA ILE D 95 -12.51 13.13 -18.57
C ILE D 95 -11.71 13.34 -19.85
N MET D 96 -10.74 14.24 -19.80
CA MET D 96 -9.91 14.60 -20.95
C MET D 96 -8.50 14.05 -20.75
N VAL D 97 -8.03 13.28 -21.73
CA VAL D 97 -6.67 12.75 -21.69
C VAL D 97 -5.92 13.30 -22.91
N GLY D 98 -4.81 13.98 -22.66
CA GLY D 98 -4.17 14.68 -23.75
C GLY D 98 -4.97 15.89 -24.14
N ASN D 99 -4.63 16.47 -25.28
CA ASN D 99 -5.37 17.59 -25.82
C ASN D 99 -6.19 17.19 -27.06
N GLU D 100 -6.37 15.90 -27.28
CA GLU D 100 -7.05 15.41 -28.47
C GLU D 100 -8.26 14.54 -28.17
N THR D 101 -8.29 13.81 -27.06
CA THR D 101 -9.36 12.86 -26.78
C THR D 101 -9.89 13.03 -25.37
N GLY D 102 -11.18 12.73 -25.21
CA GLY D 102 -11.83 12.77 -23.91
C GLY D 102 -13.07 11.90 -23.95
N LEU D 103 -13.76 11.85 -22.81
CA LEU D 103 -14.96 11.05 -22.67
C LEU D 103 -16.09 11.82 -21.99
N GLU D 104 -17.29 11.54 -22.50
CA GLU D 104 -18.57 11.98 -21.99
C GLU D 104 -18.97 11.08 -20.84
N LEU D 105 -19.60 11.67 -19.82
CA LEU D 105 -20.22 10.97 -18.70
C LEU D 105 -21.60 11.62 -18.50
N THR D 106 -22.61 11.09 -19.16
CA THR D 106 -23.93 11.71 -19.18
C THR D 106 -24.93 10.87 -18.42
N LEU D 107 -25.59 11.47 -17.43
CA LEU D 107 -26.69 10.87 -16.70
C LEU D 107 -27.98 11.18 -17.45
N THR D 108 -28.62 10.17 -18.03
CA THR D 108 -29.78 10.46 -18.87
C THR D 108 -30.75 9.28 -18.86
N ASN D 109 -31.96 9.54 -19.32
CA ASN D 109 -33.00 8.53 -19.46
C ASN D 109 -32.98 7.85 -20.83
N THR D 110 -32.05 8.22 -21.70
CA THR D 110 -31.99 7.70 -23.06
C THR D 110 -30.81 6.75 -23.19
N SER D 111 -31.05 5.60 -23.81
CA SER D 111 -30.02 4.59 -24.00
C SER D 111 -29.54 4.59 -25.43
N ILE D 112 -28.21 4.73 -25.61
CA ILE D 112 -27.61 4.62 -26.93
C ILE D 112 -27.34 3.17 -27.31
N ILE D 113 -27.41 2.25 -26.36
CA ILE D 113 -27.08 0.85 -26.58
C ILE D 113 -28.25 0.00 -26.14
N ASN D 114 -28.61 -1.00 -26.95
CA ASN D 114 -29.72 -1.89 -26.66
C ASN D 114 -29.32 -3.35 -26.67
N HIS D 115 -28.03 -3.64 -26.46
CA HIS D 115 -27.52 -5.00 -26.39
C HIS D 115 -26.66 -5.15 -25.14
N LYS D 116 -26.81 -6.29 -24.47
CA LYS D 116 -26.11 -6.55 -23.21
C LYS D 116 -24.82 -7.31 -23.48
N PHE D 117 -23.88 -6.64 -24.15
CA PHE D 117 -22.57 -7.22 -24.43
C PHE D 117 -21.47 -6.26 -24.00
N CYS D 118 -20.29 -6.82 -23.79
CA CYS D 118 -19.06 -6.04 -23.61
C CYS D 118 -17.93 -6.83 -24.26
N ASN D 119 -17.62 -6.48 -25.51
CA ASN D 119 -16.70 -7.25 -26.35
C ASN D 119 -15.26 -6.85 -26.02
N LEU D 120 -14.84 -7.20 -24.80
CA LEU D 120 -13.51 -6.77 -24.34
C LEU D 120 -12.39 -7.56 -25.01
N SER D 121 -12.53 -8.88 -25.11
CA SER D 121 -11.47 -9.68 -25.71
C SER D 121 -11.40 -9.46 -27.21
N ASP D 122 -12.51 -9.09 -27.82
CA ASP D 122 -12.47 -8.71 -29.24
C ASP D 122 -11.73 -7.38 -29.40
N ALA D 123 -11.95 -6.46 -28.46
CA ALA D 123 -11.22 -5.18 -28.50
C ALA D 123 -9.72 -5.39 -28.33
N HIS D 124 -9.32 -6.29 -27.42
CA HIS D 124 -7.90 -6.57 -27.26
C HIS D 124 -7.33 -7.31 -28.47
N LYS D 125 -8.11 -8.17 -29.12
CA LYS D 125 -7.63 -8.84 -30.33
C LYS D 125 -7.27 -7.82 -31.42
N LYS D 126 -8.18 -6.89 -31.71
CA LYS D 126 -7.94 -5.86 -32.71
C LYS D 126 -7.53 -4.60 -31.97
N ASN D 127 -6.23 -4.43 -31.77
CA ASN D 127 -5.68 -3.31 -31.01
C ASN D 127 -5.70 -2.06 -31.87
N LEU D 128 -6.91 -1.54 -32.09
CA LEU D 128 -7.12 -0.32 -32.85
C LEU D 128 -7.65 0.82 -32.00
N TYR D 129 -7.65 0.65 -30.68
CA TYR D 129 -8.17 1.65 -29.76
C TYR D 129 -7.03 2.40 -29.10
N ASP D 130 -7.39 3.41 -28.32
CA ASP D 130 -6.42 4.19 -27.56
C ASP D 130 -6.21 3.54 -26.21
N HIS D 131 -4.95 3.25 -25.89
CA HIS D 131 -4.65 2.52 -24.66
C HIS D 131 -5.02 3.32 -23.42
N ALA D 132 -4.88 4.65 -23.48
CA ALA D 132 -5.21 5.49 -22.33
C ALA D 132 -6.68 5.36 -21.97
N LEU D 133 -7.56 5.43 -22.95
CA LEU D 133 -8.99 5.35 -22.67
C LEU D 133 -9.39 3.98 -22.11
N MET D 134 -8.82 2.91 -22.67
CA MET D 134 -9.13 1.59 -22.17
C MET D 134 -8.63 1.41 -20.74
N SER D 135 -7.46 1.96 -20.42
CA SER D 135 -7.00 1.90 -19.03
C SER D 135 -7.90 2.72 -18.12
N ILE D 136 -8.39 3.87 -18.59
CA ILE D 136 -9.31 4.68 -17.79
C ILE D 136 -10.55 3.85 -17.45
N ILE D 137 -11.18 3.25 -18.47
CA ILE D 137 -12.40 2.52 -18.19
C ILE D 137 -12.12 1.25 -17.39
N SER D 138 -10.93 0.67 -17.55
CA SER D 138 -10.56 -0.50 -16.73
C SER D 138 -10.48 -0.13 -15.26
N THR D 139 -9.81 0.99 -14.95
CA THR D 139 -9.77 1.47 -13.58
C THR D 139 -11.18 1.76 -13.07
N PHE D 140 -12.02 2.37 -13.92
CA PHE D 140 -13.39 2.66 -13.49
C PHE D 140 -14.16 1.38 -13.16
N HIS D 141 -14.01 0.34 -13.98
CA HIS D 141 -14.75 -0.90 -13.74
C HIS D 141 -14.18 -1.76 -12.64
N LEU D 142 -12.92 -1.57 -12.27
CA LEU D 142 -12.35 -2.37 -11.20
C LEU D 142 -12.52 -1.70 -9.84
N SER D 143 -13.08 -0.50 -9.80
CA SER D 143 -13.36 0.20 -8.55
C SER D 143 -14.83 0.20 -8.17
N ILE D 144 -15.67 -0.56 -8.86
CA ILE D 144 -17.09 -0.57 -8.56
C ILE D 144 -17.33 -1.48 -7.37
N PRO D 145 -17.74 -0.93 -6.22
CA PRO D 145 -17.82 -1.73 -5.00
C PRO D 145 -18.84 -2.86 -5.10
N ASN D 146 -18.38 -4.08 -4.86
CA ASN D 146 -19.23 -5.27 -4.78
C ASN D 146 -20.10 -5.45 -6.02
N PHE D 147 -19.53 -5.14 -7.18
CA PHE D 147 -20.27 -5.34 -8.43
C PHE D 147 -20.58 -6.82 -8.60
N ASN D 148 -21.86 -7.16 -8.77
CA ASN D 148 -22.27 -8.54 -8.93
C ASN D 148 -23.27 -8.81 -10.05
N GLN D 149 -23.87 -7.80 -10.67
CA GLN D 149 -24.86 -7.99 -11.72
C GLN D 149 -24.25 -7.50 -13.03
N TYR D 150 -23.89 -8.44 -13.90
CA TYR D 150 -23.25 -8.10 -15.17
C TYR D 150 -24.25 -7.78 -16.27
N GLU D 151 -25.55 -7.96 -16.03
CA GLU D 151 -26.53 -7.62 -17.04
C GLU D 151 -26.59 -6.13 -17.31
N ALA D 152 -26.21 -5.31 -16.34
CA ALA D 152 -26.40 -3.87 -16.47
C ALA D 152 -25.44 -3.25 -17.48
N MET D 153 -24.18 -3.67 -17.47
CA MET D 153 -23.15 -2.99 -18.25
C MET D 153 -23.23 -3.39 -19.71
N SER D 154 -23.09 -2.40 -20.59
CA SER D 154 -23.08 -2.63 -22.03
C SER D 154 -21.95 -1.84 -22.66
N CYS D 155 -21.32 -2.41 -23.68
CA CYS D 155 -20.12 -1.80 -24.25
C CYS D 155 -20.19 -1.81 -25.77
N ASP D 156 -19.52 -0.83 -26.37
CA ASP D 156 -19.31 -0.75 -27.81
C ASP D 156 -17.89 -0.23 -28.06
N PHE D 157 -17.11 -0.99 -28.85
CA PHE D 157 -15.73 -0.64 -29.16
C PHE D 157 -15.40 -0.69 -30.64
N ASN D 158 -16.39 -0.80 -31.52
CA ASN D 158 -16.11 -0.91 -32.94
C ASN D 158 -15.35 0.32 -33.43
N GLY D 159 -14.23 0.07 -34.12
CA GLY D 159 -13.46 1.14 -34.72
C GLY D 159 -12.55 1.88 -33.77
N GLY D 160 -12.46 1.46 -32.50
CA GLY D 160 -11.71 2.19 -31.50
C GLY D 160 -12.54 3.14 -30.67
N LYS D 161 -13.82 3.30 -30.99
CA LYS D 161 -14.71 4.13 -30.20
C LYS D 161 -14.89 3.51 -28.81
N ILE D 162 -14.96 4.36 -27.79
CA ILE D 162 -15.17 3.94 -26.41
C ILE D 162 -16.61 4.27 -26.04
N SER D 163 -17.46 3.25 -25.91
CA SER D 163 -18.83 3.44 -25.45
C SER D 163 -19.12 2.46 -24.32
N VAL D 164 -19.58 2.98 -23.18
CA VAL D 164 -20.00 2.17 -22.04
C VAL D 164 -21.31 2.72 -21.52
N GLN D 165 -22.36 1.91 -21.50
CA GLN D 165 -23.63 2.31 -20.89
C GLN D 165 -23.88 1.50 -19.62
N TYR D 166 -24.55 2.12 -18.66
CA TYR D 166 -24.92 1.49 -17.40
C TYR D 166 -26.41 1.68 -17.15
N ASN D 167 -27.08 0.60 -16.76
CA ASN D 167 -28.49 0.60 -16.38
C ASN D 167 -28.60 0.70 -14.87
N LEU D 168 -29.22 1.78 -14.40
CA LEU D 168 -29.30 2.09 -12.98
C LEU D 168 -30.65 1.71 -12.37
N SER D 169 -31.30 0.70 -12.94
CA SER D 169 -32.59 0.25 -12.43
C SER D 169 -32.44 -0.47 -11.09
N HIS D 170 -33.43 -0.29 -10.22
CA HIS D 170 -33.42 -0.92 -8.90
C HIS D 170 -34.23 -2.21 -8.94
N HIS D 179 -35.49 0.47 -1.50
CA HIS D 179 -34.54 -0.49 -0.95
C HIS D 179 -33.19 -0.33 -1.63
N CYS D 180 -32.12 -0.77 -0.95
CA CYS D 180 -30.78 -0.57 -1.46
C CYS D 180 -30.01 -1.88 -1.53
N GLY D 181 -28.71 -1.79 -1.79
CA GLY D 181 -27.92 -2.97 -2.08
C GLY D 181 -27.97 -3.27 -3.56
N THR D 182 -27.99 -2.22 -4.37
CA THR D 182 -28.18 -2.32 -5.82
C THR D 182 -26.91 -1.88 -6.52
N VAL D 183 -26.72 -2.39 -7.75
CA VAL D 183 -25.57 -1.99 -8.54
C VAL D 183 -25.58 -0.49 -8.80
N ALA D 184 -26.76 0.12 -8.85
CA ALA D 184 -26.85 1.57 -9.02
C ALA D 184 -26.12 2.29 -7.89
N ASN D 185 -26.25 1.79 -6.67
CA ASN D 185 -25.58 2.43 -5.53
C ASN D 185 -24.07 2.49 -5.76
N GLY D 186 -23.45 1.35 -6.02
CA GLY D 186 -22.00 1.34 -6.21
C GLY D 186 -21.54 2.07 -7.45
N VAL D 187 -22.35 2.05 -8.51
CA VAL D 187 -21.97 2.73 -9.74
C VAL D 187 -22.01 4.24 -9.57
N LEU D 188 -23.03 4.76 -8.89
CA LEU D 188 -23.01 6.18 -8.52
C LEU D 188 -21.88 6.50 -7.56
N GLN D 189 -21.58 5.58 -6.63
CA GLN D 189 -20.45 5.79 -5.74
C GLN D 189 -19.17 6.01 -6.53
N THR D 190 -18.88 5.13 -7.49
CA THR D 190 -17.65 5.30 -8.26
C THR D 190 -17.74 6.50 -9.22
N PHE D 191 -18.94 6.87 -9.66
CA PHE D 191 -19.08 8.11 -10.41
C PHE D 191 -18.59 9.30 -9.60
N MET D 192 -19.08 9.44 -8.37
CA MET D 192 -18.63 10.57 -7.57
C MET D 192 -17.24 10.36 -6.97
N ARG D 193 -16.73 9.13 -6.98
CA ARG D 193 -15.30 8.91 -6.79
C ARG D 193 -14.48 9.56 -7.90
N MET D 194 -14.95 9.45 -9.14
CA MET D 194 -14.18 9.97 -10.26
C MET D 194 -14.40 11.47 -10.47
N ALA D 195 -15.63 11.86 -10.75
CA ALA D 195 -15.92 13.23 -11.15
C ALA D 195 -15.83 14.20 -9.97
N TRP D 196 -16.24 13.77 -8.78
CA TRP D 196 -16.35 14.64 -7.61
C TRP D 196 -17.33 15.79 -7.85
N GLY D 197 -18.36 15.54 -8.64
CA GLY D 197 -19.39 16.54 -8.88
C GLY D 197 -20.78 16.05 -8.55
N GLY D 198 -21.41 16.67 -7.56
CA GLY D 198 -22.75 16.29 -7.14
C GLY D 198 -23.25 17.09 -5.95
N ARG D 207 -33.15 11.17 -3.33
CA ARG D 207 -32.74 11.39 -1.94
C ARG D 207 -32.27 10.10 -1.30
N GLY D 208 -30.96 9.97 -1.11
CA GLY D 208 -30.37 8.75 -0.60
C GLY D 208 -29.63 9.00 0.70
N ASN D 209 -29.66 8.00 1.58
CA ASN D 209 -29.04 8.10 2.90
C ASN D 209 -28.33 6.78 3.20
N TRP D 210 -27.72 6.72 4.39
CA TRP D 210 -27.00 5.56 4.90
C TRP D 210 -26.17 4.86 3.84
N ASP D 211 -25.29 5.66 3.19
CA ASP D 211 -24.38 5.16 2.17
C ASP D 211 -25.11 4.49 1.01
N CYS D 212 -26.34 4.93 0.76
CA CYS D 212 -27.11 4.52 -0.41
C CYS D 212 -27.55 5.79 -1.12
N ILE D 213 -27.37 5.82 -2.44
CA ILE D 213 -27.66 7.01 -3.23
C ILE D 213 -28.53 6.61 -4.42
N MET D 214 -29.59 7.36 -4.65
CA MET D 214 -30.51 7.12 -5.76
C MET D 214 -30.63 8.39 -6.59
N THR D 215 -30.77 8.20 -7.90
CA THR D 215 -30.98 9.31 -8.82
C THR D 215 -32.13 8.98 -9.76
N SER D 216 -32.85 10.02 -10.18
CA SER D 216 -33.94 9.85 -11.11
C SER D 216 -33.48 9.37 -12.48
N TYR D 217 -32.21 9.61 -12.82
CA TYR D 217 -31.70 9.18 -14.12
C TYR D 217 -31.63 7.67 -14.20
N GLN D 218 -32.23 7.11 -15.25
CA GLN D 218 -32.25 5.66 -15.42
C GLN D 218 -30.93 5.11 -15.94
N TYR D 219 -30.21 5.86 -16.76
CA TYR D 219 -29.05 5.35 -17.46
C TYR D 219 -27.86 6.28 -17.29
N LEU D 220 -26.67 5.75 -17.60
CA LEU D 220 -25.50 6.61 -17.76
C LEU D 220 -24.68 6.15 -18.95
N ILE D 221 -24.09 7.13 -19.65
CA ILE D 221 -23.36 6.92 -20.89
C ILE D 221 -21.96 7.46 -20.73
N ILE D 222 -20.97 6.68 -21.14
CA ILE D 222 -19.58 7.12 -21.27
C ILE D 222 -19.20 6.95 -22.73
N GLN D 223 -18.68 8.00 -23.35
CA GLN D 223 -18.38 7.83 -24.76
C GLN D 223 -17.29 8.77 -25.25
N ASN D 224 -16.68 8.39 -26.37
CA ASN D 224 -15.52 9.12 -26.88
C ASN D 224 -15.95 10.47 -27.45
N THR D 225 -15.05 11.44 -27.34
CA THR D 225 -15.32 12.78 -27.85
C THR D 225 -13.98 13.50 -28.04
N THR D 226 -14.03 14.58 -28.81
CA THR D 226 -12.87 15.44 -28.98
C THR D 226 -12.73 16.36 -27.77
N TRP D 227 -11.76 17.26 -27.82
CA TRP D 227 -11.45 18.13 -26.70
C TRP D 227 -11.95 19.55 -26.97
N GLU D 228 -12.66 20.11 -26.00
CA GLU D 228 -13.03 21.53 -26.01
C GLU D 228 -12.95 22.04 -24.56
N ASP D 229 -13.45 23.26 -24.36
CA ASP D 229 -13.50 23.88 -23.03
C ASP D 229 -14.89 23.81 -22.40
N HIS D 230 -15.63 22.74 -22.64
CA HIS D 230 -17.05 22.67 -22.30
C HIS D 230 -17.29 22.10 -20.90
N CYS D 231 -16.62 22.63 -19.88
CA CYS D 231 -16.88 22.21 -18.50
C CYS D 231 -16.86 23.42 -17.57
N GLN D 232 -17.66 24.43 -17.91
CA GLN D 232 -17.75 25.65 -17.12
C GLN D 232 -18.00 25.37 -15.64
N PHE D 233 -18.82 24.36 -15.33
CA PHE D 233 -19.22 24.14 -13.94
C PHE D 233 -18.03 23.80 -13.05
N SER D 234 -17.14 22.93 -13.52
CA SER D 234 -16.10 22.36 -12.68
C SER D 234 -14.72 22.60 -13.29
N ARG D 235 -13.75 22.86 -12.42
CA ARG D 235 -12.38 22.99 -12.86
C ARG D 235 -11.85 21.60 -13.20
N PRO D 236 -11.00 21.48 -14.21
CA PRO D 236 -10.38 20.17 -14.47
C PRO D 236 -9.38 19.78 -13.39
N SER D 237 -9.44 18.52 -12.99
CA SER D 237 -8.57 18.00 -11.94
C SER D 237 -8.27 16.54 -12.22
N PRO D 238 -7.07 16.06 -11.88
CA PRO D 238 -6.75 14.63 -12.04
C PRO D 238 -7.07 13.76 -10.83
N ILE D 239 -7.39 14.36 -9.69
CA ILE D 239 -7.46 13.63 -8.42
C ILE D 239 -8.47 12.49 -8.46
N GLY D 240 -9.53 12.63 -9.24
CA GLY D 240 -10.52 11.56 -9.30
C GLY D 240 -9.95 10.26 -9.81
N TYR D 241 -9.15 10.33 -10.88
CA TYR D 241 -8.59 9.10 -11.44
C TYR D 241 -7.48 8.54 -10.55
N LEU D 242 -6.65 9.41 -10.00
CA LEU D 242 -5.59 8.95 -9.12
C LEU D 242 -6.15 8.25 -7.89
N GLY D 243 -7.21 8.80 -7.31
CA GLY D 243 -7.86 8.13 -6.20
C GLY D 243 -8.56 6.85 -6.60
N LEU D 244 -9.20 6.83 -7.78
CA LEU D 244 -9.85 5.62 -8.25
C LEU D 244 -8.84 4.49 -8.48
N LEU D 245 -7.60 4.83 -8.86
CA LEU D 245 -6.58 3.80 -9.03
C LEU D 245 -6.30 3.06 -7.72
N SER D 246 -6.56 3.69 -6.58
CA SER D 246 -6.26 3.06 -5.30
C SER D 246 -7.16 1.85 -5.03
N GLN D 247 -8.45 1.98 -5.33
CA GLN D 247 -9.45 1.02 -4.90
C GLN D 247 -9.76 -0.04 -5.95
N ARG D 248 -9.06 -0.04 -7.08
CA ARG D 248 -9.33 -1.03 -8.11
C ARG D 248 -9.05 -2.44 -7.60
N THR D 249 -9.96 -3.36 -7.92
CA THR D 249 -9.94 -4.77 -7.50
C THR D 249 -10.07 -4.95 -6.00
N ARG D 250 -10.33 -3.87 -5.26
CA ARG D 250 -10.37 -3.97 -3.79
C ARG D 250 -11.63 -4.67 -3.32
N ASP D 251 -12.78 -4.34 -3.91
CA ASP D 251 -14.08 -4.84 -3.49
C ASP D 251 -14.68 -5.83 -4.49
N ILE D 252 -13.86 -6.68 -5.08
CA ILE D 252 -14.30 -7.55 -6.16
C ILE D 252 -14.75 -8.89 -5.59
N TYR D 253 -15.75 -9.49 -6.23
CA TYR D 253 -16.26 -10.80 -5.84
C TYR D 253 -15.52 -11.91 -6.58
N ILE D 254 -15.44 -13.06 -5.95
CA ILE D 254 -14.80 -14.22 -6.57
C ILE D 254 -15.82 -14.91 -7.47
N SER D 255 -15.46 -15.10 -8.73
CA SER D 255 -16.31 -15.82 -9.67
C SER D 255 -15.77 -17.17 -10.06
N ARG D 256 -14.53 -17.49 -9.70
CA ARG D 256 -13.93 -18.78 -10.00
C ARG D 256 -12.95 -19.12 -8.88
N ARG D 257 -12.79 -20.43 -8.62
CA ARG D 257 -11.89 -20.83 -7.54
C ARG D 257 -10.44 -20.56 -7.89
N LEU D 258 -10.02 -20.92 -9.11
CA LEU D 258 -8.61 -20.76 -9.48
C LEU D 258 -8.25 -19.30 -9.71
N LEU D 259 -9.09 -18.57 -10.44
CA LEU D 259 -8.83 -17.18 -10.81
C LEU D 259 -7.58 -17.09 -11.69
N THR E 59 -1.01 -3.09 43.59
CA THR E 59 -0.80 -4.35 42.90
C THR E 59 0.52 -4.33 42.13
N SER E 60 0.48 -3.73 40.94
CA SER E 60 1.65 -3.62 40.07
C SER E 60 2.04 -2.15 40.02
N LEU E 61 2.95 -1.77 40.91
CA LEU E 61 3.42 -0.39 41.03
C LEU E 61 4.86 -0.31 40.55
N TYR E 62 5.11 0.61 39.61
CA TYR E 62 6.44 0.81 39.05
C TYR E 62 6.94 2.22 39.35
N LYS E 63 8.27 2.33 39.46
CA LYS E 63 8.95 3.49 40.01
C LYS E 63 8.37 3.81 41.38
N GLY E 64 7.73 4.96 41.54
CA GLY E 64 7.11 5.30 42.80
C GLY E 64 5.61 5.54 42.70
N VAL E 65 5.16 5.99 41.54
CA VAL E 65 3.76 6.36 41.36
C VAL E 65 3.10 5.70 40.16
N TYR E 66 3.85 5.31 39.14
CA TYR E 66 3.24 4.72 37.95
C TYR E 66 2.68 3.34 38.27
N GLU E 67 1.48 3.06 37.76
CA GLU E 67 0.77 1.82 38.07
C GLU E 67 0.41 1.11 36.77
N LEU E 68 0.46 -0.22 36.79
CA LEU E 68 0.11 -1.03 35.63
C LEU E 68 -1.40 -1.26 35.62
N GLN E 69 -2.12 -0.18 35.33
CA GLN E 69 -3.55 -0.28 35.09
C GLN E 69 -3.78 -0.75 33.67
N THR E 70 -4.68 -1.71 33.50
CA THR E 70 -4.88 -2.37 32.22
C THR E 70 -6.26 -2.08 31.67
N LEU E 71 -6.39 -2.28 30.35
CA LEU E 71 -7.63 -2.04 29.63
C LEU E 71 -8.12 -3.34 29.02
N GLU E 72 -9.42 -3.58 29.08
CA GLU E 72 -10.05 -4.70 28.40
C GLU E 72 -11.12 -4.09 27.49
N LEU E 73 -10.75 -3.81 26.25
CA LEU E 73 -11.64 -3.11 25.33
C LEU E 73 -12.83 -3.99 24.97
N ASN E 74 -14.03 -3.50 25.27
CA ASN E 74 -15.27 -4.17 24.85
C ASN E 74 -15.46 -3.94 23.37
N MET E 75 -15.12 -4.93 22.56
CA MET E 75 -15.16 -4.74 21.12
C MET E 75 -16.55 -4.98 20.56
N GLU E 76 -17.51 -5.35 21.40
CA GLU E 76 -18.89 -5.44 20.95
C GLU E 76 -19.44 -4.07 20.57
N THR E 77 -18.80 -3.00 21.04
CA THR E 77 -19.20 -1.66 20.62
C THR E 77 -18.93 -1.41 19.15
N LEU E 78 -18.15 -2.26 18.49
CA LEU E 78 -17.90 -2.14 17.07
C LEU E 78 -18.73 -3.12 16.24
N ASN E 79 -19.78 -3.67 16.82
CA ASN E 79 -20.63 -4.64 16.11
C ASN E 79 -21.37 -4.02 14.93
N MET E 80 -21.56 -2.70 14.93
CA MET E 80 -22.36 -2.04 13.91
C MET E 80 -21.56 -1.65 12.67
N THR E 81 -20.23 -1.78 12.69
CA THR E 81 -19.41 -1.42 11.54
C THR E 81 -18.37 -2.46 11.18
N MET E 82 -17.95 -3.31 12.11
CA MET E 82 -16.81 -4.18 11.88
C MET E 82 -17.15 -5.60 12.32
N PRO E 83 -16.71 -6.62 11.58
CA PRO E 83 -16.90 -8.00 12.02
C PRO E 83 -15.90 -8.38 13.09
N LEU E 84 -16.36 -9.12 14.10
CA LEU E 84 -15.56 -9.46 15.26
C LEU E 84 -15.32 -10.96 15.32
N SER E 85 -14.09 -11.35 15.66
CA SER E 85 -13.67 -12.75 15.68
C SER E 85 -13.48 -13.22 17.11
N CYS E 86 -14.13 -14.33 17.46
CA CYS E 86 -13.92 -14.92 18.78
C CYS E 86 -14.29 -16.39 18.72
N THR E 87 -13.73 -17.17 19.66
CA THR E 87 -13.86 -18.62 19.58
C THR E 87 -14.22 -19.20 20.95
N LYS E 88 -14.74 -20.43 20.92
CA LYS E 88 -15.37 -21.07 22.06
C LYS E 88 -14.53 -22.14 22.74
N ASN E 89 -14.01 -23.11 21.97
CA ASN E 89 -13.30 -24.23 22.58
C ASN E 89 -12.05 -24.61 21.79
N ASN E 90 -11.39 -23.63 21.17
CA ASN E 90 -10.18 -23.78 20.37
C ASN E 90 -10.42 -24.54 19.07
N SER E 91 -11.64 -25.03 18.83
CA SER E 91 -11.97 -25.67 17.57
C SER E 91 -13.17 -25.03 16.88
N HIS E 92 -14.01 -24.32 17.62
CA HIS E 92 -15.14 -23.59 17.05
C HIS E 92 -14.82 -22.09 17.11
N HIS E 93 -14.37 -21.55 15.98
CA HIS E 93 -14.05 -20.14 15.82
C HIS E 93 -15.27 -19.45 15.23
N TYR E 94 -15.36 -18.14 15.41
CA TYR E 94 -16.56 -17.47 14.94
C TYR E 94 -16.22 -16.09 14.42
N ILE E 95 -17.02 -15.65 13.46
CA ILE E 95 -16.98 -14.26 12.99
C ILE E 95 -18.40 -13.70 12.98
N MET E 96 -18.64 -12.67 13.77
CA MET E 96 -19.95 -12.06 13.91
C MET E 96 -19.96 -10.70 13.23
N VAL E 97 -20.91 -10.50 12.32
CA VAL E 97 -21.07 -9.21 11.64
C VAL E 97 -22.46 -8.68 11.98
N GLY E 98 -22.50 -7.48 12.54
CA GLY E 98 -23.77 -6.99 13.05
C GLY E 98 -24.14 -7.74 14.32
N ASN E 99 -25.39 -7.58 14.74
CA ASN E 99 -25.91 -8.31 15.87
C ASN E 99 -26.91 -9.38 15.45
N GLU E 100 -26.94 -9.73 14.17
CA GLU E 100 -27.92 -10.68 13.65
C GLU E 100 -27.30 -11.88 12.95
N THR E 101 -26.12 -11.75 12.35
CA THR E 101 -25.55 -12.83 11.56
C THR E 101 -24.09 -13.06 11.92
N GLY E 102 -23.66 -14.31 11.79
CA GLY E 102 -22.28 -14.69 12.03
C GLY E 102 -21.98 -15.99 11.31
N LEU E 103 -20.73 -16.44 11.46
CA LEU E 103 -20.28 -17.66 10.81
C LEU E 103 -19.50 -18.55 11.77
N GLU E 104 -19.74 -19.85 11.59
CA GLU E 104 -19.06 -20.96 12.21
C GLU E 104 -17.74 -21.21 11.48
N LEU E 105 -16.70 -21.56 12.24
CA LEU E 105 -15.41 -22.02 11.73
C LEU E 105 -15.04 -23.25 12.55
N THR E 106 -15.42 -24.43 12.07
CA THR E 106 -15.29 -25.66 12.84
C THR E 106 -14.25 -26.56 12.19
N LEU E 107 -13.24 -26.95 12.96
CA LEU E 107 -12.25 -27.94 12.56
C LEU E 107 -12.77 -29.32 12.95
N THR E 108 -13.10 -30.15 11.96
CA THR E 108 -13.74 -31.42 12.29
C THR E 108 -13.41 -32.47 11.25
N ASN E 109 -13.66 -33.73 11.60
CA ASN E 109 -13.50 -34.86 10.70
C ASN E 109 -14.75 -35.17 9.90
N THR E 110 -15.82 -34.39 10.06
CA THR E 110 -17.09 -34.67 9.41
C THR E 110 -17.32 -33.62 8.32
N SER E 111 -17.75 -34.09 7.15
CA SER E 111 -17.99 -33.21 6.01
C SER E 111 -19.49 -33.02 5.82
N ILE E 112 -19.93 -31.76 5.79
CA ILE E 112 -21.31 -31.44 5.48
C ILE E 112 -21.57 -31.39 3.98
N ILE E 113 -20.51 -31.36 3.18
CA ILE E 113 -20.62 -31.20 1.73
C ILE E 113 -19.88 -32.34 1.06
N ASN E 114 -20.49 -32.95 0.04
CA ASN E 114 -19.89 -34.06 -0.67
C ASN E 114 -19.80 -33.80 -2.17
N HIS E 115 -19.81 -32.53 -2.58
CA HIS E 115 -19.67 -32.15 -3.98
C HIS E 115 -18.60 -31.07 -4.10
N LYS E 116 -17.77 -31.19 -5.14
CA LYS E 116 -16.65 -30.28 -5.36
C LYS E 116 -17.05 -29.15 -6.30
N PHE E 117 -17.97 -28.31 -5.81
CA PHE E 117 -18.42 -27.14 -6.55
C PHE E 117 -18.31 -25.89 -5.68
N CYS E 118 -18.26 -24.75 -6.36
CA CYS E 118 -18.40 -23.44 -5.71
C CYS E 118 -19.16 -22.53 -6.68
N ASN E 119 -20.48 -22.45 -6.49
CA ASN E 119 -21.38 -21.79 -7.44
C ASN E 119 -21.37 -20.28 -7.18
N LEU E 120 -20.23 -19.66 -7.46
CA LEU E 120 -20.07 -18.24 -7.13
C LEU E 120 -20.83 -17.34 -8.12
N SER E 121 -20.74 -17.64 -9.41
CA SER E 121 -21.43 -16.79 -10.38
C SER E 121 -22.94 -16.99 -10.32
N ASP E 122 -23.38 -18.17 -9.88
CA ASP E 122 -24.80 -18.37 -9.65
C ASP E 122 -25.25 -17.56 -8.44
N ALA E 123 -24.41 -17.49 -7.41
CA ALA E 123 -24.73 -16.68 -6.24
C ALA E 123 -24.83 -15.20 -6.60
N HIS E 124 -23.91 -14.71 -7.44
CA HIS E 124 -23.99 -13.32 -7.87
C HIS E 124 -25.18 -13.06 -8.78
N LYS E 125 -25.57 -14.04 -9.61
CA LYS E 125 -26.76 -13.87 -10.44
C LYS E 125 -28.00 -13.65 -9.59
N LYS E 126 -28.22 -14.50 -8.59
CA LYS E 126 -29.37 -14.37 -7.70
C LYS E 126 -28.88 -13.71 -6.41
N ASN E 127 -28.94 -12.38 -6.40
CA ASN E 127 -28.44 -11.59 -5.27
C ASN E 127 -29.43 -11.66 -4.11
N LEU E 128 -29.47 -12.84 -3.49
CA LEU E 128 -30.33 -13.08 -2.33
C LEU E 128 -29.53 -13.32 -1.06
N TYR E 129 -28.22 -13.07 -1.09
CA TYR E 129 -27.34 -13.31 0.04
C TYR E 129 -26.99 -11.99 0.72
N ASP E 130 -26.29 -12.10 1.84
CA ASP E 130 -25.83 -10.93 2.57
C ASP E 130 -24.47 -10.52 2.04
N HIS E 131 -24.35 -9.26 1.64
CA HIS E 131 -23.12 -8.79 1.01
C HIS E 131 -21.94 -8.83 1.97
N ALA E 132 -22.19 -8.57 3.25
CA ALA E 132 -21.10 -8.58 4.23
C ALA E 132 -20.45 -9.97 4.30
N LEU E 133 -21.27 -11.02 4.37
CA LEU E 133 -20.72 -12.37 4.49
C LEU E 133 -19.94 -12.77 3.25
N MET E 134 -20.46 -12.42 2.06
CA MET E 134 -19.75 -12.75 0.84
C MET E 134 -18.43 -12.00 0.75
N SER E 135 -18.41 -10.74 1.19
CA SER E 135 -17.13 -10.03 1.21
C SER E 135 -16.16 -10.64 2.22
N ILE E 136 -16.66 -11.10 3.36
CA ILE E 136 -15.82 -11.78 4.34
C ILE E 136 -15.15 -13.00 3.71
N ILE E 137 -15.95 -13.86 3.07
CA ILE E 137 -15.37 -15.07 2.52
C ILE E 137 -14.50 -14.76 1.32
N SER E 138 -14.80 -13.68 0.58
CA SER E 138 -13.93 -13.27 -0.52
C SER E 138 -12.55 -12.86 -0.02
N THR E 139 -12.52 -12.04 1.03
CA THR E 139 -11.24 -11.69 1.64
C THR E 139 -10.53 -12.93 2.14
N PHE E 140 -11.27 -13.87 2.75
CA PHE E 140 -10.63 -15.09 3.23
C PHE E 140 -10.00 -15.89 2.10
N HIS E 141 -10.71 -16.02 0.97
CA HIS E 141 -10.19 -16.80 -0.14
C HIS E 141 -9.13 -16.11 -0.95
N LEU E 142 -9.02 -14.78 -0.88
CA LEU E 142 -7.98 -14.10 -1.62
C LEU E 142 -6.71 -13.93 -0.81
N SER E 143 -6.70 -14.36 0.44
CA SER E 143 -5.52 -14.32 1.29
C SER E 143 -4.87 -15.68 1.49
N ILE E 144 -5.30 -16.70 0.77
CA ILE E 144 -4.75 -18.03 0.95
C ILE E 144 -3.43 -18.11 0.20
N PRO E 145 -2.31 -18.24 0.89
CA PRO E 145 -0.99 -18.15 0.23
C PRO E 145 -0.77 -19.27 -0.77
N ASN E 146 -0.48 -18.88 -2.01
CA ASN E 146 -0.09 -19.81 -3.08
C ASN E 146 -1.13 -20.92 -3.28
N PHE E 147 -2.40 -20.57 -3.15
CA PHE E 147 -3.46 -21.54 -3.39
C PHE E 147 -3.39 -22.02 -4.83
N ASN E 148 -3.28 -23.35 -5.03
CA ASN E 148 -3.21 -23.90 -6.37
C ASN E 148 -4.07 -25.12 -6.64
N GLN E 149 -4.69 -25.74 -5.62
CA GLN E 149 -5.50 -26.93 -5.81
C GLN E 149 -6.95 -26.54 -5.52
N TYR E 150 -7.76 -26.46 -6.58
CA TYR E 150 -9.15 -26.05 -6.44
C TYR E 150 -10.08 -27.22 -6.12
N GLU E 151 -9.57 -28.45 -6.12
CA GLU E 151 -10.43 -29.59 -5.77
C GLU E 151 -10.86 -29.54 -4.31
N ALA E 152 -10.07 -28.91 -3.45
CA ALA E 152 -10.33 -28.98 -2.01
C ALA E 152 -11.57 -28.19 -1.62
N MET E 153 -11.75 -27.00 -2.17
CA MET E 153 -12.77 -26.08 -1.70
C MET E 153 -14.14 -26.49 -2.23
N SER E 154 -15.15 -26.43 -1.36
CA SER E 154 -16.52 -26.74 -1.72
C SER E 154 -17.44 -25.67 -1.14
N CYS E 155 -18.48 -25.32 -1.88
CA CYS E 155 -19.33 -24.21 -1.47
C CYS E 155 -20.81 -24.57 -1.60
N ASP E 156 -21.63 -23.94 -0.76
CA ASP E 156 -23.08 -24.01 -0.86
C ASP E 156 -23.65 -22.64 -0.53
N PHE E 157 -24.47 -22.10 -1.44
CA PHE E 157 -25.07 -20.79 -1.30
C PHE E 157 -26.58 -20.76 -1.52
N ASN E 158 -27.24 -21.90 -1.60
CA ASN E 158 -28.67 -21.93 -1.88
C ASN E 158 -29.43 -21.16 -0.81
N GLY E 159 -30.29 -20.24 -1.24
CA GLY E 159 -31.13 -19.49 -0.35
C GLY E 159 -30.46 -18.35 0.38
N GLY E 160 -29.19 -18.05 0.07
CA GLY E 160 -28.45 -17.06 0.81
C GLY E 160 -27.59 -17.61 1.93
N LYS E 161 -27.69 -18.92 2.20
CA LYS E 161 -26.84 -19.55 3.20
C LYS E 161 -25.38 -19.52 2.75
N ILE E 162 -24.48 -19.29 3.70
CA ILE E 162 -23.05 -19.27 3.43
C ILE E 162 -22.46 -20.57 3.96
N SER E 163 -22.05 -21.46 3.06
CA SER E 163 -21.36 -22.69 3.45
C SER E 163 -20.10 -22.85 2.63
N VAL E 164 -18.96 -23.01 3.31
CA VAL E 164 -17.68 -23.28 2.66
C VAL E 164 -16.98 -24.40 3.42
N GLN E 165 -16.67 -25.50 2.74
CA GLN E 165 -15.89 -26.57 3.33
C GLN E 165 -14.51 -26.65 2.68
N TYR E 166 -13.53 -27.06 3.47
CA TYR E 166 -12.16 -27.23 3.03
C TYR E 166 -11.65 -28.61 3.40
N ASN E 167 -11.02 -29.29 2.45
CA ASN E 167 -10.39 -30.59 2.64
C ASN E 167 -8.90 -30.39 2.90
N LEU E 168 -8.46 -30.81 4.09
CA LEU E 168 -7.09 -30.57 4.54
C LEU E 168 -6.20 -31.80 4.38
N SER E 169 -6.51 -32.65 3.41
CA SER E 169 -5.72 -33.85 3.15
C SER E 169 -4.36 -33.51 2.56
N HIS E 170 -3.35 -34.28 2.94
CA HIS E 170 -1.99 -34.07 2.45
C HIS E 170 -1.73 -34.99 1.26
N HIS E 179 5.46 -34.50 4.78
CA HIS E 179 5.92 -33.55 3.78
C HIS E 179 4.99 -32.34 3.71
N CYS E 180 5.50 -31.22 3.23
CA CYS E 180 4.73 -29.98 3.22
C CYS E 180 4.67 -29.36 1.83
N GLY E 181 4.17 -28.14 1.74
CA GLY E 181 3.88 -27.54 0.46
C GLY E 181 2.48 -27.91 0.02
N THR E 182 1.57 -28.00 0.99
CA THR E 182 0.21 -28.48 0.76
C THR E 182 -0.77 -27.34 0.99
N VAL E 183 -1.93 -27.44 0.34
CA VAL E 183 -2.98 -26.44 0.53
C VAL E 183 -3.41 -26.35 1.97
N ALA E 184 -3.31 -27.46 2.72
CA ALA E 184 -3.63 -27.44 4.14
C ALA E 184 -2.75 -26.45 4.88
N ASN E 185 -1.47 -26.38 4.53
CA ASN E 185 -0.57 -25.44 5.19
C ASN E 185 -1.08 -24.00 5.06
N GLY E 186 -1.31 -23.55 3.82
CA GLY E 186 -1.76 -22.18 3.63
C GLY E 186 -3.15 -21.92 4.19
N VAL E 187 -4.02 -22.92 4.15
CA VAL E 187 -5.37 -22.71 4.65
C VAL E 187 -5.38 -22.58 6.17
N LEU E 188 -4.59 -23.38 6.87
CA LEU E 188 -4.40 -23.17 8.31
C LEU E 188 -3.72 -21.84 8.60
N GLN E 189 -2.76 -21.46 7.74
CA GLN E 189 -2.12 -20.16 7.90
C GLN E 189 -3.15 -19.05 7.89
N THR E 190 -4.04 -19.03 6.89
CA THR E 190 -5.04 -17.97 6.85
C THR E 190 -6.09 -18.13 7.95
N PHE E 191 -6.35 -19.36 8.41
CA PHE E 191 -7.21 -19.53 9.59
C PHE E 191 -6.65 -18.78 10.78
N MET E 192 -5.38 -19.00 11.10
CA MET E 192 -4.82 -18.30 12.24
C MET E 192 -4.45 -16.85 11.94
N ARG E 193 -4.42 -16.47 10.65
CA ARG E 193 -4.47 -15.05 10.30
C ARG E 193 -5.78 -14.41 10.73
N MET E 194 -6.89 -15.12 10.56
CA MET E 194 -8.20 -14.54 10.87
C MET E 194 -8.53 -14.65 12.35
N ALA E 195 -8.62 -15.88 12.86
CA ALA E 195 -9.12 -16.11 14.21
C ALA E 195 -8.10 -15.71 15.27
N TRP E 196 -6.81 -15.91 15.01
CA TRP E 196 -5.75 -15.70 16.00
C TRP E 196 -5.94 -16.59 17.22
N GLY E 197 -6.49 -17.80 17.01
CA GLY E 197 -6.65 -18.74 18.09
C GLY E 197 -6.02 -20.08 17.81
N GLY E 198 -5.00 -20.44 18.59
CA GLY E 198 -4.30 -21.69 18.40
C GLY E 198 -3.15 -21.88 19.37
N ARG E 207 1.96 -31.57 14.90
CA ARG E 207 3.20 -30.88 15.21
C ARG E 207 3.91 -30.42 13.95
N GLY E 208 3.85 -29.12 13.69
CA GLY E 208 4.39 -28.55 12.47
C GLY E 208 5.50 -27.54 12.77
N ASN E 209 6.47 -27.49 11.86
CA ASN E 209 7.64 -26.62 12.01
C ASN E 209 7.96 -25.99 10.65
N TRP E 210 9.00 -25.16 10.66
CA TRP E 210 9.52 -24.47 9.46
C TRP E 210 8.39 -23.93 8.58
N ASP E 211 7.51 -23.14 9.20
CA ASP E 211 6.40 -22.49 8.50
C ASP E 211 5.49 -23.49 7.82
N CYS E 212 5.42 -24.71 8.37
CA CYS E 212 4.47 -25.72 7.94
C CYS E 212 3.71 -26.17 9.16
N ILE E 213 2.39 -26.26 9.05
CA ILE E 213 1.53 -26.60 10.18
C ILE E 213 0.58 -27.70 9.77
N MET E 214 0.46 -28.72 10.61
CA MET E 214 -0.43 -29.84 10.36
C MET E 214 -1.37 -30.01 11.55
N THR E 215 -2.60 -30.44 11.26
CA THR E 215 -3.58 -30.72 12.29
C THR E 215 -4.25 -32.05 12.00
N SER E 216 -4.63 -32.74 13.07
CA SER E 216 -5.33 -34.02 12.92
C SER E 216 -6.70 -33.87 12.27
N TYR E 217 -7.29 -32.68 12.31
CA TYR E 217 -8.61 -32.47 11.72
C TYR E 217 -8.51 -32.57 10.21
N GLN E 218 -9.37 -33.41 9.62
CA GLN E 218 -9.35 -33.60 8.18
C GLN E 218 -10.03 -32.47 7.42
N TYR E 219 -11.06 -31.85 8.01
CA TYR E 219 -11.90 -30.91 7.30
C TYR E 219 -12.06 -29.62 8.10
N LEU E 220 -12.52 -28.58 7.41
CA LEU E 220 -13.00 -27.39 8.11
C LEU E 220 -14.27 -26.86 7.45
N ILE E 221 -15.16 -26.33 8.28
CA ILE E 221 -16.49 -25.89 7.87
C ILE E 221 -16.65 -24.44 8.26
N ILE E 222 -17.15 -23.63 7.33
CA ILE E 222 -17.58 -22.26 7.58
C ILE E 222 -19.06 -22.19 7.23
N GLN E 223 -19.89 -21.70 8.15
CA GLN E 223 -21.30 -21.71 7.82
C GLN E 223 -22.09 -20.65 8.57
N ASN E 224 -23.25 -20.31 8.02
CA ASN E 224 -24.04 -19.22 8.56
C ASN E 224 -24.69 -19.63 9.88
N THR E 225 -24.86 -18.64 10.75
CA THR E 225 -25.47 -18.86 12.05
C THR E 225 -25.99 -17.54 12.59
N THR E 226 -26.85 -17.63 13.60
CA THR E 226 -27.34 -16.45 14.29
C THR E 226 -26.30 -15.99 15.30
N TRP E 227 -26.64 -14.97 16.08
CA TRP E 227 -25.70 -14.36 17.02
C TRP E 227 -26.03 -14.77 18.44
N GLU E 228 -25.02 -15.23 19.18
CA GLU E 228 -25.13 -15.45 20.62
C GLU E 228 -23.80 -15.05 21.26
N ASP E 229 -23.64 -15.38 22.54
CA ASP E 229 -22.42 -15.10 23.30
C ASP E 229 -21.54 -16.34 23.45
N HIS E 230 -21.51 -17.21 22.45
CA HIS E 230 -20.90 -18.54 22.58
C HIS E 230 -19.42 -18.55 22.18
N CYS E 231 -18.62 -17.64 22.72
CA CYS E 231 -17.18 -17.66 22.46
C CYS E 231 -16.42 -17.35 23.76
N GLN E 232 -16.72 -18.10 24.81
CA GLN E 232 -16.07 -17.93 26.11
C GLN E 232 -14.54 -17.89 26.00
N PHE E 233 -13.97 -18.73 25.14
CA PHE E 233 -12.51 -18.87 25.09
C PHE E 233 -11.83 -17.57 24.70
N SER E 234 -12.35 -16.87 23.70
CA SER E 234 -11.67 -15.74 23.10
C SER E 234 -12.54 -14.49 23.13
N ARG E 235 -11.90 -13.35 23.35
CA ARG E 235 -12.60 -12.08 23.29
C ARG E 235 -12.86 -11.77 21.81
N PRO E 236 -13.99 -11.14 21.49
CA PRO E 236 -14.21 -10.71 20.10
C PRO E 236 -13.30 -9.57 19.72
N SER E 237 -12.75 -9.66 18.51
CA SER E 237 -11.82 -8.64 18.00
C SER E 237 -11.99 -8.56 16.49
N PRO E 238 -11.81 -7.37 15.92
CA PRO E 238 -11.87 -7.22 14.46
C PRO E 238 -10.52 -7.37 13.75
N ILE E 239 -9.41 -7.39 14.49
CA ILE E 239 -8.08 -7.28 13.90
C ILE E 239 -7.80 -8.38 12.89
N GLY E 240 -8.37 -9.56 13.07
CA GLY E 240 -8.12 -10.63 12.12
C GLY E 240 -8.58 -10.30 10.71
N TYR E 241 -9.77 -9.73 10.58
CA TYR E 241 -10.28 -9.41 9.25
C TYR E 241 -9.56 -8.20 8.66
N LEU E 242 -9.27 -7.20 9.48
CA LEU E 242 -8.56 -6.03 8.99
C LEU E 242 -7.17 -6.40 8.49
N GLY E 243 -6.48 -7.27 9.21
CA GLY E 243 -5.18 -7.75 8.73
C GLY E 243 -5.29 -8.63 7.50
N LEU E 244 -6.32 -9.48 7.45
CA LEU E 244 -6.52 -10.32 6.27
C LEU E 244 -6.80 -9.49 5.02
N LEU E 245 -7.44 -8.33 5.18
CA LEU E 245 -7.68 -7.46 4.03
C LEU E 245 -6.37 -7.00 3.39
N SER E 246 -5.28 -6.97 4.15
CA SER E 246 -4.01 -6.48 3.63
C SER E 246 -3.44 -7.41 2.56
N GLN E 247 -3.50 -8.72 2.81
CA GLN E 247 -2.77 -9.71 2.02
C GLN E 247 -3.62 -10.31 0.89
N ARG E 248 -4.85 -9.85 0.70
CA ARG E 248 -5.69 -10.40 -0.34
C ARG E 248 -5.07 -10.18 -1.72
N THR E 249 -5.11 -11.21 -2.56
CA THR E 249 -4.54 -11.23 -3.90
C THR E 249 -3.03 -11.09 -3.92
N ARG E 250 -2.39 -11.09 -2.76
CA ARG E 250 -0.94 -10.85 -2.71
C ARG E 250 -0.16 -12.06 -3.22
N ASP E 251 -0.57 -13.26 -2.80
CA ASP E 251 0.14 -14.50 -3.12
C ASP E 251 -0.61 -15.37 -4.12
N ILE E 252 -1.22 -14.76 -5.11
CA ILE E 252 -2.09 -15.49 -6.03
C ILE E 252 -1.28 -15.94 -7.25
N TYR E 253 -1.66 -17.09 -7.79
CA TYR E 253 -1.03 -17.63 -8.99
C TYR E 253 -1.76 -17.16 -10.23
N ILE E 254 -1.02 -17.07 -11.33
CA ILE E 254 -1.61 -16.68 -12.60
C ILE E 254 -2.22 -17.92 -13.26
N SER E 255 -3.49 -17.83 -13.62
CA SER E 255 -4.17 -18.92 -14.32
C SER E 255 -4.50 -18.59 -15.76
N ARG E 256 -4.32 -17.34 -16.18
CA ARG E 256 -4.57 -16.94 -17.55
C ARG E 256 -3.63 -15.79 -17.89
N ARG E 257 -3.25 -15.70 -19.17
CA ARG E 257 -2.32 -14.65 -19.57
C ARG E 257 -2.95 -13.27 -19.51
N LEU E 258 -4.19 -13.15 -20.02
CA LEU E 258 -4.83 -11.84 -20.07
C LEU E 258 -5.29 -11.38 -18.69
N LEU E 259 -5.93 -12.28 -17.94
CA LEU E 259 -6.51 -11.96 -16.63
C LEU E 259 -7.60 -10.92 -16.77
N THR F 59 43.06 7.44 1.38
CA THR F 59 42.49 7.38 0.04
C THR F 59 41.50 8.50 -0.17
N SER F 60 40.27 8.30 0.31
CA SER F 60 39.19 9.26 0.20
C SER F 60 38.90 9.79 1.60
N LEU F 61 39.54 10.89 1.96
CA LEU F 61 39.41 11.50 3.26
C LEU F 61 38.65 12.82 3.12
N TYR F 62 37.60 12.97 3.91
CA TYR F 62 36.76 14.16 3.91
C TYR F 62 36.80 14.86 5.26
N LYS F 63 36.65 16.18 5.21
CA LYS F 63 36.92 17.07 6.34
C LYS F 63 38.32 16.81 6.86
N GLY F 64 38.45 16.34 8.10
CA GLY F 64 39.76 16.01 8.63
C GLY F 64 39.92 14.56 9.03
N VAL F 65 38.81 13.93 9.42
CA VAL F 65 38.86 12.56 9.93
C VAL F 65 37.89 11.62 9.24
N TYR F 66 36.80 12.10 8.66
CA TYR F 66 35.83 11.21 8.04
C TYR F 66 36.41 10.60 6.77
N GLU F 67 36.17 9.30 6.59
CA GLU F 67 36.75 8.55 5.47
C GLU F 67 35.64 7.86 4.69
N LEU F 68 35.81 7.80 3.38
CA LEU F 68 34.84 7.14 2.50
C LEU F 68 35.13 5.64 2.45
N GLN F 69 34.86 4.99 3.58
CA GLN F 69 34.91 3.53 3.63
C GLN F 69 33.62 2.97 3.04
N THR F 70 33.74 1.97 2.19
CA THR F 70 32.61 1.47 1.43
C THR F 70 32.29 0.03 1.84
N LEU F 71 31.06 -0.38 1.54
CA LEU F 71 30.56 -1.70 1.84
C LEU F 71 30.21 -2.43 0.55
N GLU F 72 30.54 -3.71 0.48
CA GLU F 72 30.13 -4.57 -0.62
C GLU F 72 29.37 -5.74 0.02
N LEU F 73 28.06 -5.59 0.13
CA LEU F 73 27.24 -6.57 0.83
C LEU F 73 27.22 -7.89 0.08
N ASN F 74 27.68 -8.96 0.73
CA ASN F 74 27.59 -10.30 0.17
C ASN F 74 26.14 -10.77 0.28
N MET F 75 25.41 -10.69 -0.82
CA MET F 75 23.99 -11.00 -0.77
C MET F 75 23.72 -12.49 -0.89
N GLU F 76 24.78 -13.30 -1.07
CA GLU F 76 24.61 -14.74 -1.03
C GLU F 76 24.17 -15.22 0.34
N THR F 77 24.39 -14.41 1.38
CA THR F 77 23.90 -14.75 2.70
C THR F 77 22.38 -14.74 2.77
N LEU F 78 21.69 -14.21 1.77
CA LEU F 78 20.24 -14.23 1.72
C LEU F 78 19.72 -15.30 0.77
N ASN F 79 20.54 -16.27 0.41
CA ASN F 79 20.12 -17.32 -0.51
C ASN F 79 19.04 -18.21 0.07
N MET F 80 18.92 -18.28 1.40
CA MET F 80 17.99 -19.20 2.05
C MET F 80 16.58 -18.63 2.21
N THR F 81 16.38 -17.35 1.93
CA THR F 81 15.05 -16.74 2.07
C THR F 81 14.63 -15.89 0.89
N MET F 82 15.56 -15.37 0.08
CA MET F 82 15.23 -14.40 -0.93
C MET F 82 15.90 -14.78 -2.26
N PRO F 83 15.20 -14.60 -3.38
CA PRO F 83 15.84 -14.83 -4.68
C PRO F 83 16.74 -13.67 -5.07
N LEU F 84 17.89 -14.00 -5.65
CA LEU F 84 18.92 -13.02 -5.96
C LEU F 84 19.11 -12.93 -7.47
N SER F 85 19.26 -11.70 -7.96
CA SER F 85 19.37 -11.41 -9.39
C SER F 85 20.79 -10.99 -9.74
N CYS F 86 21.38 -11.67 -10.73
CA CYS F 86 22.70 -11.25 -11.21
C CYS F 86 22.89 -11.78 -12.62
N THR F 87 23.78 -11.11 -13.37
CA THR F 87 23.92 -11.40 -14.79
C THR F 87 25.38 -11.53 -15.19
N LYS F 88 25.59 -12.16 -16.34
CA LYS F 88 26.91 -12.63 -16.78
C LYS F 88 27.53 -11.77 -17.88
N ASN F 89 26.81 -11.51 -18.97
CA ASN F 89 27.39 -10.80 -20.10
C ASN F 89 26.44 -9.78 -20.71
N ASN F 90 25.60 -9.16 -19.88
CA ASN F 90 24.60 -8.16 -20.25
C ASN F 90 23.48 -8.72 -21.10
N SER F 91 23.53 -10.00 -21.47
CA SER F 91 22.44 -10.65 -22.18
C SER F 91 21.92 -11.90 -21.48
N HIS F 92 22.71 -12.49 -20.59
CA HIS F 92 22.28 -13.64 -19.79
C HIS F 92 22.09 -13.17 -18.35
N HIS F 93 20.85 -12.90 -17.98
CA HIS F 93 20.46 -12.48 -16.64
C HIS F 93 20.03 -13.72 -15.87
N TYR F 94 20.06 -13.64 -14.54
CA TYR F 94 19.75 -14.84 -13.79
C TYR F 94 19.02 -14.48 -12.52
N ILE F 95 18.18 -15.41 -12.07
CA ILE F 95 17.55 -15.33 -10.76
C ILE F 95 17.74 -16.66 -10.04
N MET F 96 18.42 -16.64 -8.91
CA MET F 96 18.74 -17.84 -8.14
C MET F 96 17.91 -17.84 -6.86
N VAL F 97 17.17 -18.92 -6.64
CA VAL F 97 16.39 -19.09 -5.42
C VAL F 97 16.92 -20.33 -4.69
N GLY F 98 17.33 -20.14 -3.44
CA GLY F 98 18.01 -21.23 -2.76
C GLY F 98 19.41 -21.40 -3.34
N ASN F 99 20.02 -22.53 -2.99
CA ASN F 99 21.31 -22.88 -3.53
C ASN F 99 21.22 -24.04 -4.52
N GLU F 100 20.02 -24.36 -4.98
CA GLU F 100 19.80 -25.51 -5.85
C GLU F 100 19.15 -25.17 -7.18
N THR F 101 18.33 -24.13 -7.25
CA THR F 101 17.58 -23.83 -8.47
C THR F 101 17.70 -22.35 -8.83
N GLY F 102 17.64 -22.08 -10.14
CA GLY F 102 17.65 -20.73 -10.65
C GLY F 102 17.05 -20.71 -12.04
N LEU F 103 17.02 -19.50 -12.62
CA LEU F 103 16.44 -19.31 -13.94
C LEU F 103 17.34 -18.44 -14.82
N GLU F 104 17.36 -18.84 -16.09
CA GLU F 104 17.99 -18.16 -17.21
C GLU F 104 17.05 -17.06 -17.68
N LEU F 105 17.63 -15.92 -18.08
CA LEU F 105 16.94 -14.81 -18.74
C LEU F 105 17.82 -14.40 -19.92
N THR F 106 17.58 -14.99 -21.08
CA THR F 106 18.45 -14.82 -22.24
C THR F 106 17.73 -14.03 -23.32
N LEU F 107 18.34 -12.92 -23.75
CA LEU F 107 17.88 -12.14 -24.88
C LEU F 107 18.52 -12.71 -26.14
N THR F 108 17.71 -13.31 -27.02
CA THR F 108 18.31 -13.98 -28.17
C THR F 108 17.35 -13.98 -29.36
N ASN F 109 17.91 -14.27 -30.52
CA ASN F 109 17.12 -14.40 -31.75
C ASN F 109 16.61 -15.81 -31.99
N THR F 110 16.89 -16.75 -31.09
CA THR F 110 16.52 -18.14 -31.25
C THR F 110 15.38 -18.49 -30.32
N SER F 111 14.37 -19.19 -30.84
CA SER F 111 13.20 -19.57 -30.06
C SER F 111 13.27 -21.04 -29.70
N ILE F 112 13.18 -21.35 -28.41
CA ILE F 112 13.10 -22.73 -27.96
C ILE F 112 11.68 -23.27 -28.02
N ILE F 113 10.69 -22.41 -28.20
CA ILE F 113 9.28 -22.79 -28.17
C ILE F 113 8.63 -22.29 -29.45
N ASN F 114 7.81 -23.15 -30.07
CA ASN F 114 7.13 -22.82 -31.32
C ASN F 114 5.62 -23.01 -31.22
N HIS F 115 5.07 -22.97 -30.01
CA HIS F 115 3.65 -23.08 -29.78
C HIS F 115 3.20 -21.95 -28.87
N LYS F 116 2.04 -21.38 -29.18
CA LYS F 116 1.50 -20.23 -28.43
C LYS F 116 0.54 -20.70 -27.36
N PHE F 117 1.08 -21.41 -26.37
CA PHE F 117 0.31 -21.88 -25.23
C PHE F 117 0.98 -21.48 -23.94
N CYS F 118 0.18 -21.46 -22.87
CA CYS F 118 0.68 -21.34 -21.49
C CYS F 118 -0.23 -22.18 -20.61
N ASN F 119 0.19 -23.42 -20.35
CA ASN F 119 -0.65 -24.42 -19.68
C ASN F 119 -0.58 -24.21 -18.17
N LEU F 120 -1.14 -23.09 -17.71
CA LEU F 120 -1.02 -22.74 -16.30
C LEU F 120 -1.93 -23.59 -15.43
N SER F 121 -3.19 -23.79 -15.84
CA SER F 121 -4.10 -24.57 -15.02
C SER F 121 -3.73 -26.05 -15.03
N ASP F 122 -3.10 -26.51 -16.11
CA ASP F 122 -2.57 -27.87 -16.11
C ASP F 122 -1.40 -27.98 -15.14
N ALA F 123 -0.57 -26.95 -15.07
CA ALA F 123 0.54 -26.95 -14.11
C ALA F 123 0.03 -26.98 -12.68
N HIS F 124 -1.01 -26.20 -12.39
CA HIS F 124 -1.59 -26.22 -11.04
C HIS F 124 -2.29 -27.55 -10.73
N LYS F 125 -2.91 -28.18 -11.73
CA LYS F 125 -3.52 -29.49 -11.51
C LYS F 125 -2.47 -30.51 -11.07
N LYS F 126 -1.36 -30.62 -11.78
CA LYS F 126 -0.29 -31.54 -11.43
C LYS F 126 0.79 -30.74 -10.71
N ASN F 127 0.67 -30.67 -9.38
CA ASN F 127 1.57 -29.88 -8.56
C ASN F 127 2.90 -30.62 -8.39
N LEU F 128 3.65 -30.65 -9.49
CA LEU F 128 4.96 -31.28 -9.51
C LEU F 128 6.08 -30.26 -9.72
N TYR F 129 5.78 -28.98 -9.64
CA TYR F 129 6.75 -27.92 -9.86
C TYR F 129 7.19 -27.33 -8.53
N ASP F 130 8.16 -26.42 -8.62
CA ASP F 130 8.64 -25.70 -7.44
C ASP F 130 7.83 -24.45 -7.25
N HIS F 131 7.26 -24.28 -6.06
CA HIS F 131 6.36 -23.17 -5.79
C HIS F 131 7.08 -21.83 -5.89
N ALA F 132 8.35 -21.79 -5.48
CA ALA F 132 9.10 -20.54 -5.53
C ALA F 132 9.22 -20.02 -6.96
N LEU F 133 9.56 -20.91 -7.89
CA LEU F 133 9.74 -20.48 -9.28
C LEU F 133 8.42 -20.01 -9.89
N MET F 134 7.33 -20.72 -9.60
CA MET F 134 6.04 -20.31 -10.13
C MET F 134 5.62 -18.96 -9.56
N SER F 135 5.88 -18.72 -8.28
CA SER F 135 5.58 -17.40 -7.72
C SER F 135 6.46 -16.32 -8.34
N ILE F 136 7.72 -16.63 -8.62
CA ILE F 136 8.60 -15.67 -9.30
C ILE F 136 8.01 -15.28 -10.64
N ILE F 137 7.64 -16.27 -11.46
CA ILE F 137 7.14 -15.92 -12.78
C ILE F 137 5.76 -15.28 -12.69
N SER F 138 4.97 -15.62 -11.67
CA SER F 138 3.68 -14.96 -11.48
C SER F 138 3.87 -13.47 -11.19
N THR F 139 4.79 -13.15 -10.28
CA THR F 139 5.09 -11.75 -10.02
C THR F 139 5.59 -11.06 -11.29
N PHE F 140 6.45 -11.75 -12.06
CA PHE F 140 6.95 -11.17 -13.30
C PHE F 140 5.82 -10.85 -14.27
N HIS F 141 4.86 -11.78 -14.42
CA HIS F 141 3.78 -11.58 -15.37
C HIS F 141 2.70 -10.63 -14.89
N LEU F 142 2.60 -10.38 -13.59
CA LEU F 142 1.59 -9.45 -13.11
C LEU F 142 2.12 -8.03 -13.01
N SER F 143 3.40 -7.82 -13.32
CA SER F 143 4.00 -6.48 -13.32
C SER F 143 4.24 -5.95 -14.73
N ILE F 144 3.73 -6.62 -15.76
CA ILE F 144 3.97 -6.17 -17.13
C ILE F 144 3.00 -5.04 -17.44
N PRO F 145 3.48 -3.81 -17.63
CA PRO F 145 2.58 -2.66 -17.76
C PRO F 145 1.70 -2.76 -19.00
N ASN F 146 0.39 -2.68 -18.77
CA ASN F 146 -0.61 -2.60 -19.84
C ASN F 146 -0.49 -3.76 -20.83
N PHE F 147 -0.16 -4.95 -20.32
CA PHE F 147 -0.09 -6.12 -21.19
C PHE F 147 -1.44 -6.39 -21.81
N ASN F 148 -1.50 -6.45 -23.14
CA ASN F 148 -2.76 -6.70 -23.83
C ASN F 148 -2.70 -7.71 -24.96
N GLN F 149 -1.53 -8.16 -25.39
CA GLN F 149 -1.41 -9.12 -26.49
C GLN F 149 -0.91 -10.44 -25.91
N TYR F 150 -1.80 -11.42 -25.84
CA TYR F 150 -1.45 -12.71 -25.26
C TYR F 150 -0.82 -13.67 -26.26
N GLU F 151 -0.76 -13.31 -27.54
CA GLU F 151 -0.14 -14.17 -28.53
C GLU F 151 1.36 -14.31 -28.29
N ALA F 152 1.98 -13.30 -27.67
CA ALA F 152 3.43 -13.27 -27.58
C ALA F 152 3.96 -14.33 -26.60
N MET F 153 3.31 -14.49 -25.47
CA MET F 153 3.86 -15.30 -24.39
C MET F 153 3.65 -16.79 -24.68
N SER F 154 4.67 -17.58 -24.41
CA SER F 154 4.61 -19.03 -24.60
C SER F 154 5.22 -19.70 -23.38
N CYS F 155 4.66 -20.83 -22.96
CA CYS F 155 5.08 -21.47 -21.72
C CYS F 155 5.27 -22.98 -21.93
N ASP F 156 6.16 -23.55 -21.12
CA ASP F 156 6.36 -24.99 -21.03
C ASP F 156 6.61 -25.33 -19.57
N PHE F 157 5.82 -26.28 -19.04
CA PHE F 157 5.91 -26.70 -17.65
C PHE F 157 5.97 -28.21 -17.46
N ASN F 158 6.15 -28.99 -18.53
CA ASN F 158 6.16 -30.43 -18.41
C ASN F 158 7.25 -30.89 -17.45
N GLY F 159 6.87 -31.73 -16.48
CA GLY F 159 7.83 -32.29 -15.55
C GLY F 159 8.26 -31.38 -14.43
N GLY F 160 7.69 -30.18 -14.31
CA GLY F 160 8.16 -29.21 -13.36
C GLY F 160 9.16 -28.21 -13.90
N LYS F 161 9.59 -28.37 -15.15
CA LYS F 161 10.48 -27.40 -15.78
C LYS F 161 9.77 -26.08 -15.95
N ILE F 162 10.50 -24.99 -15.74
CA ILE F 162 9.97 -23.64 -15.92
C ILE F 162 10.52 -23.08 -17.23
N SER F 163 9.68 -22.95 -18.25
CA SER F 163 10.08 -22.34 -19.50
C SER F 163 9.06 -21.27 -19.89
N VAL F 164 9.53 -20.04 -20.12
CA VAL F 164 8.69 -18.95 -20.61
C VAL F 164 9.43 -18.22 -21.72
N GLN F 165 8.83 -18.17 -22.91
CA GLN F 165 9.40 -17.39 -24.01
C GLN F 165 8.52 -16.19 -24.30
N TYR F 166 9.16 -15.11 -24.75
CA TYR F 166 8.48 -13.87 -25.12
C TYR F 166 8.92 -13.45 -26.52
N ASN F 167 7.95 -13.09 -27.35
CA ASN F 167 8.17 -12.56 -28.70
C ASN F 167 8.14 -11.04 -28.65
N LEU F 168 9.26 -10.41 -29.00
CA LEU F 168 9.41 -8.96 -28.88
C LEU F 168 9.23 -8.26 -30.22
N SER F 169 8.45 -8.82 -31.12
CA SER F 169 8.20 -8.22 -32.42
C SER F 169 7.31 -6.98 -32.31
N HIS F 170 7.60 -6.00 -33.15
CA HIS F 170 6.82 -4.75 -33.16
C HIS F 170 5.73 -4.82 -34.21
N HIS F 179 7.77 2.94 -34.24
CA HIS F 179 6.59 3.28 -33.46
C HIS F 179 6.55 2.48 -32.17
N CYS F 180 5.85 2.99 -31.16
CA CYS F 180 5.84 2.36 -29.84
C CYS F 180 4.42 2.09 -29.37
N GLY F 181 4.28 1.70 -28.10
CA GLY F 181 3.01 1.21 -27.60
C GLY F 181 2.90 -0.27 -27.85
N THR F 182 4.02 -0.98 -27.72
CA THR F 182 4.11 -2.39 -28.05
C THR F 182 4.38 -3.19 -26.79
N VAL F 183 3.98 -4.47 -26.82
CA VAL F 183 4.23 -5.35 -25.69
C VAL F 183 5.72 -5.47 -25.40
N ALA F 184 6.55 -5.33 -26.44
CA ALA F 184 7.99 -5.36 -26.24
C ALA F 184 8.44 -4.26 -25.30
N ASN F 185 7.84 -3.07 -25.41
CA ASN F 185 8.20 -1.97 -24.53
C ASN F 185 8.00 -2.35 -23.06
N GLY F 186 6.79 -2.78 -22.71
CA GLY F 186 6.52 -3.13 -21.32
C GLY F 186 7.29 -4.34 -20.84
N VAL F 187 7.54 -5.30 -21.72
CA VAL F 187 8.26 -6.50 -21.32
C VAL F 187 9.72 -6.19 -21.03
N LEU F 188 10.35 -5.35 -21.86
CA LEU F 188 11.69 -4.87 -21.52
C LEU F 188 11.68 -4.01 -20.26
N GLN F 189 10.63 -3.20 -20.08
CA GLN F 189 10.51 -2.43 -18.87
C GLN F 189 10.56 -3.33 -17.63
N THR F 190 9.76 -4.38 -17.62
CA THR F 190 9.78 -5.28 -16.45
C THR F 190 11.06 -6.10 -16.38
N PHE F 191 11.71 -6.37 -17.52
CA PHE F 191 13.02 -6.99 -17.47
C PHE F 191 14.00 -6.14 -16.67
N MET F 192 14.10 -4.85 -17.00
CA MET F 192 15.02 -4.01 -16.27
C MET F 192 14.48 -3.59 -14.91
N ARG F 193 13.18 -3.76 -14.66
CA ARG F 193 12.67 -3.75 -13.30
C ARG F 193 13.27 -4.87 -12.46
N MET F 194 13.40 -6.06 -13.05
CA MET F 194 13.87 -7.21 -12.28
C MET F 194 15.40 -7.26 -12.22
N ALA F 195 16.05 -7.36 -13.38
CA ALA F 195 17.49 -7.60 -13.40
C ALA F 195 18.28 -6.36 -13.03
N TRP F 196 17.81 -5.17 -13.40
CA TRP F 196 18.55 -3.93 -13.23
C TRP F 196 19.88 -3.96 -13.97
N GLY F 197 19.93 -4.64 -15.09
CA GLY F 197 21.13 -4.67 -15.92
C GLY F 197 20.89 -4.24 -17.35
N GLY F 198 21.50 -3.13 -17.74
CA GLY F 198 21.34 -2.61 -19.09
C GLY F 198 22.09 -1.31 -19.31
N ARG F 207 17.94 1.83 -29.93
CA ARG F 207 17.93 3.17 -29.36
C ARG F 207 16.51 3.65 -29.12
N GLY F 208 16.11 3.67 -27.85
CA GLY F 208 14.75 4.01 -27.47
C GLY F 208 14.71 5.24 -26.59
N ASN F 209 13.65 6.02 -26.73
CA ASN F 209 13.46 7.27 -26.00
C ASN F 209 12.02 7.38 -25.54
N TRP F 210 11.71 8.48 -24.85
CA TRP F 210 10.37 8.81 -24.35
C TRP F 210 9.66 7.59 -23.77
N ASP F 211 10.32 6.93 -22.82
CA ASP F 211 9.78 5.77 -22.11
C ASP F 211 9.40 4.64 -23.07
N CYS F 212 10.09 4.57 -24.21
CA CYS F 212 9.98 3.46 -25.14
C CYS F 212 11.37 2.91 -25.37
N ILE F 213 11.51 1.59 -25.31
CA ILE F 213 12.83 0.96 -25.43
C ILE F 213 12.73 -0.16 -26.46
N MET F 214 13.69 -0.21 -27.36
CA MET F 214 13.76 -1.23 -28.39
C MET F 214 15.11 -1.93 -28.33
N THR F 215 15.10 -3.23 -28.63
CA THR F 215 16.32 -4.01 -28.69
C THR F 215 16.32 -4.84 -29.96
N SER F 216 17.53 -5.08 -30.49
CA SER F 216 17.67 -5.91 -31.67
C SER F 216 17.27 -7.35 -31.42
N TYR F 217 17.28 -7.82 -30.17
CA TYR F 217 16.93 -9.19 -29.88
C TYR F 217 15.44 -9.42 -30.13
N GLN F 218 15.12 -10.44 -30.92
CA GLN F 218 13.74 -10.74 -31.26
C GLN F 218 13.00 -11.44 -30.13
N TYR F 219 13.69 -12.26 -29.34
CA TYR F 219 13.04 -13.14 -28.37
C TYR F 219 13.70 -13.01 -27.01
N LEU F 220 12.99 -13.49 -25.99
CA LEU F 220 13.61 -13.70 -24.69
C LEU F 220 13.14 -15.02 -24.08
N ILE F 221 14.06 -15.67 -23.37
CA ILE F 221 13.85 -17.01 -22.82
C ILE F 221 14.09 -16.95 -21.32
N ILE F 222 13.18 -17.54 -20.54
CA ILE F 222 13.34 -17.78 -19.12
C ILE F 222 13.27 -19.28 -18.91
N GLN F 223 14.26 -19.85 -18.25
CA GLN F 223 14.20 -21.30 -18.11
C GLN F 223 14.96 -21.81 -16.90
N ASN F 224 14.60 -23.02 -16.48
CA ASN F 224 15.14 -23.58 -15.25
C ASN F 224 16.60 -23.99 -15.45
N THR F 225 17.37 -23.89 -14.37
CA THR F 225 18.77 -24.25 -14.38
C THR F 225 19.23 -24.51 -12.96
N THR F 226 20.39 -25.17 -12.86
CA THR F 226 21.02 -25.39 -11.57
C THR F 226 21.75 -24.12 -11.13
N TRP F 227 22.46 -24.20 -10.02
CA TRP F 227 23.11 -23.04 -9.43
C TRP F 227 24.62 -23.12 -9.66
N GLU F 228 25.20 -22.03 -10.14
CA GLU F 228 26.65 -21.87 -10.22
C GLU F 228 26.99 -20.41 -9.90
N ASP F 229 28.24 -20.03 -10.13
CA ASP F 229 28.72 -18.66 -9.93
C ASP F 229 28.84 -17.89 -11.24
N HIS F 230 27.97 -18.14 -12.20
CA HIS F 230 28.13 -17.66 -13.57
C HIS F 230 27.47 -16.30 -13.81
N CYS F 231 27.74 -15.32 -12.95
CA CYS F 231 27.23 -13.96 -13.16
C CYS F 231 28.31 -12.93 -12.82
N GLN F 232 29.48 -13.10 -13.43
CA GLN F 232 30.61 -12.19 -13.20
C GLN F 232 30.22 -10.72 -13.36
N PHE F 233 29.36 -10.41 -14.34
CA PHE F 233 29.07 -9.01 -14.65
C PHE F 233 28.40 -8.30 -13.49
N SER F 234 27.44 -8.94 -12.83
CA SER F 234 26.59 -8.27 -11.86
C SER F 234 26.62 -9.00 -10.52
N ARG F 235 26.59 -8.22 -9.44
CA ARG F 235 26.50 -8.79 -8.12
C ARG F 235 25.08 -9.32 -7.92
N PRO F 236 24.90 -10.42 -7.20
CA PRO F 236 23.54 -10.87 -6.89
C PRO F 236 22.85 -9.94 -5.90
N SER F 237 21.58 -9.64 -6.17
CA SER F 237 20.80 -8.75 -5.33
C SER F 237 19.35 -9.20 -5.37
N PRO F 238 18.61 -9.03 -4.27
CA PRO F 238 17.18 -9.36 -4.26
C PRO F 238 16.25 -8.21 -4.64
N ILE F 239 16.77 -6.98 -4.74
CA ILE F 239 15.94 -5.79 -4.83
C ILE F 239 15.02 -5.81 -6.05
N GLY F 240 15.45 -6.46 -7.13
CA GLY F 240 14.60 -6.50 -8.32
C GLY F 240 13.28 -7.21 -8.08
N TYR F 241 13.31 -8.34 -7.37
CA TYR F 241 12.07 -9.06 -7.14
C TYR F 241 11.21 -8.36 -6.09
N LEU F 242 11.84 -7.81 -5.05
CA LEU F 242 11.08 -7.11 -4.02
C LEU F 242 10.38 -5.89 -4.60
N GLY F 243 11.06 -5.15 -5.48
CA GLY F 243 10.40 -4.04 -6.16
C GLY F 243 9.34 -4.48 -7.12
N LEU F 244 9.57 -5.57 -7.86
CA LEU F 244 8.57 -6.08 -8.78
C LEU F 244 7.30 -6.52 -8.05
N LEU F 245 7.43 -7.00 -6.81
CA LEU F 245 6.25 -7.37 -6.03
C LEU F 245 5.32 -6.18 -5.79
N SER F 246 5.86 -4.96 -5.82
CA SER F 246 5.06 -3.78 -5.54
C SER F 246 4.03 -3.54 -6.63
N GLN F 247 4.43 -3.67 -7.89
CA GLN F 247 3.65 -3.22 -9.03
C GLN F 247 2.78 -4.32 -9.64
N ARG F 248 2.77 -5.52 -9.05
CA ARG F 248 1.97 -6.60 -9.61
C ARG F 248 0.49 -6.25 -9.59
N THR F 249 -0.20 -6.55 -10.69
CA THR F 249 -1.62 -6.27 -10.91
C THR F 249 -1.94 -4.78 -10.96
N ARG F 250 -0.92 -3.92 -10.92
CA ARG F 250 -1.17 -2.48 -10.84
C ARG F 250 -1.66 -1.95 -12.18
N ASP F 251 -1.05 -2.38 -13.28
CA ASP F 251 -1.34 -1.86 -14.62
C ASP F 251 -2.07 -2.88 -15.49
N ILE F 252 -3.00 -3.61 -14.91
CA ILE F 252 -3.63 -4.72 -15.61
C ILE F 252 -4.92 -4.23 -16.27
N TYR F 253 -5.24 -4.81 -17.43
CA TYR F 253 -6.46 -4.49 -18.15
C TYR F 253 -7.60 -5.40 -17.73
N ILE F 254 -8.81 -4.89 -17.84
CA ILE F 254 -10.00 -5.68 -17.50
C ILE F 254 -10.38 -6.52 -18.71
N SER F 255 -10.50 -7.82 -18.52
CA SER F 255 -10.92 -8.73 -19.58
C SER F 255 -12.31 -9.30 -19.35
N ARG F 256 -12.89 -9.10 -18.17
CA ARG F 256 -14.24 -9.58 -17.89
C ARG F 256 -14.88 -8.61 -16.90
N ARG F 257 -16.21 -8.49 -16.98
CA ARG F 257 -16.90 -7.56 -16.10
C ARG F 257 -16.88 -8.03 -14.65
N LEU F 258 -17.16 -9.32 -14.43
CA LEU F 258 -17.25 -9.83 -13.06
C LEU F 258 -15.87 -9.96 -12.43
N LEU F 259 -14.92 -10.52 -13.16
CA LEU F 259 -13.58 -10.80 -12.65
C LEU F 259 -13.62 -11.79 -11.50
C1 NAG G . -19.78 -9.22 -29.17
C2 NAG G . -20.34 -8.50 -30.40
C3 NAG G . -21.64 -9.15 -30.86
C4 NAG G . -21.43 -10.64 -31.09
C5 NAG G . -20.88 -11.27 -29.82
C6 NAG G . -20.57 -12.74 -29.98
C7 NAG G . -20.53 -6.14 -31.07
C8 NAG G . -20.77 -4.74 -30.59
N2 NAG G . -20.55 -7.09 -30.12
O3 NAG G . -22.07 -8.53 -32.07
O4 NAG G . -22.67 -11.25 -31.43
O5 NAG G . -19.65 -10.63 -29.44
O6 NAG G . -21.75 -13.50 -30.25
O7 NAG G . -20.34 -6.41 -32.24
C1 NAG G . -22.59 -11.70 -32.80
C2 NAG G . -23.78 -12.61 -33.08
C3 NAG G . -23.77 -13.06 -34.54
C4 NAG G . -23.68 -11.86 -35.46
C5 NAG G . -22.50 -10.98 -35.08
C6 NAG G . -22.43 -9.70 -35.89
C7 NAG G . -24.89 -14.40 -31.83
C8 NAG G . -24.69 -15.57 -30.90
N2 NAG G . -23.78 -13.75 -32.19
O3 NAG G . -24.94 -13.82 -34.81
O4 NAG G . -23.53 -12.30 -36.81
O5 NAG G . -22.60 -10.59 -33.70
O6 NAG G . -23.00 -9.87 -37.18
O7 NAG G . -26.00 -14.07 -32.22
C1 NAG H . -32.75 -1.47 -17.77
C2 NAG H . -33.15 -2.16 -19.07
C3 NAG H . -34.67 -2.20 -19.20
C4 NAG H . -35.29 -2.82 -17.96
C5 NAG H . -34.80 -2.11 -16.71
C6 NAG H . -35.29 -2.76 -15.43
C7 NAG H . -32.24 -2.14 -21.35
C8 NAG H . -31.63 -1.30 -22.44
N2 NAG H . -32.56 -1.50 -20.22
O3 NAG H . -35.02 -2.96 -20.35
O4 NAG H . -36.71 -2.74 -18.03
O5 NAG H . -33.37 -2.12 -16.66
O6 NAG H . -34.39 -3.77 -15.00
O7 NAG H . -32.42 -3.35 -21.49
C1 NAG H . -37.25 -4.07 -18.15
C2 NAG H . -38.66 -4.06 -17.58
C3 NAG H . -39.30 -5.45 -17.71
C4 NAG H . -39.22 -5.91 -19.16
C5 NAG H . -37.79 -5.84 -19.67
C6 NAG H . -37.68 -6.17 -21.14
C7 NAG H . -38.77 -2.35 -15.82
C8 NAG H . -38.76 -2.09 -14.34
N2 NAG H . -38.67 -3.64 -16.18
O3 NAG H . -40.66 -5.39 -17.28
O4 NAG H . -39.68 -7.26 -19.25
O5 NAG H . -37.29 -4.51 -19.51
O6 NAG H . -38.64 -5.45 -21.91
O7 NAG H . -38.89 -1.45 -16.65
C1 NAG I . -1.60 21.15 -22.99
C2 NAG I . -2.07 22.32 -23.84
C3 NAG I . -0.92 22.88 -24.66
C4 NAG I . 0.31 23.14 -23.79
C5 NAG I . 0.61 21.96 -22.88
C6 NAG I . 1.69 22.25 -21.86
C7 NAG I . -4.13 22.80 -25.08
C8 NAG I . -5.19 22.25 -25.98
N2 NAG I . -3.18 21.94 -24.70
O3 NAG I . -1.33 24.09 -25.30
O4 NAG I . 1.44 23.31 -24.63
O5 NAG I . -0.56 21.58 -22.13
O6 NAG I . 1.13 22.71 -20.64
O7 NAG I . -4.13 23.97 -24.73
C1 NAG I . 1.79 24.67 -24.86
C2 NAG I . 3.15 24.68 -25.55
C3 NAG I . 3.57 26.10 -25.93
C4 NAG I . 2.46 26.80 -26.71
C5 NAG I . 1.15 26.71 -25.95
C6 NAG I . -0.02 27.29 -26.72
C7 NAG I . 4.45 22.75 -24.76
C8 NAG I . 5.52 22.28 -23.82
N2 NAG I . 4.15 24.05 -24.71
O3 NAG I . 4.76 26.05 -26.71
O4 NAG I . 2.80 28.17 -26.90
O5 NAG I . 0.83 25.34 -25.68
O6 NAG I . 0.39 28.36 -27.56
O7 NAG I . 3.87 21.99 -25.53
C1 NAG J . -23.31 -25.54 -9.32
C2 NAG J . -24.50 -26.26 -8.66
C3 NAG J . -24.63 -27.68 -9.20
C4 NAG J . -24.72 -27.66 -10.72
C5 NAG J . -23.50 -26.92 -11.28
C6 NAG J . -23.55 -26.80 -12.79
C7 NAG J . -25.39 -26.36 -6.37
C8 NAG J . -25.05 -26.36 -4.91
N2 NAG J . -24.35 -26.28 -7.21
O3 NAG J . -25.80 -28.28 -8.66
O4 NAG J . -24.75 -28.99 -11.22
O5 NAG J . -23.45 -25.59 -10.75
O6 NAG J . -23.49 -28.07 -13.42
O7 NAG J . -26.55 -26.42 -6.77
C1 NAG J . -26.04 -29.23 -11.80
C2 NAG J . -25.98 -30.53 -12.59
C3 NAG J . -27.35 -30.85 -13.19
C4 NAG J . -28.42 -30.84 -12.09
C5 NAG J . -28.37 -29.52 -11.32
C6 NAG J . -29.32 -29.50 -10.14
C7 NAG J . -24.34 -31.53 -14.12
C8 NAG J . -23.34 -31.26 -15.20
N2 NAG J . -24.98 -30.45 -13.64
O3 NAG J . -27.32 -32.11 -13.82
O4 NAG J . -29.70 -30.99 -12.68
O5 NAG J . -27.05 -29.31 -10.79
O6 NAG J . -30.46 -30.32 -10.38
O7 NAG J . -24.57 -32.66 -13.70
C1 NAG K . -10.70 -35.22 0.95
C2 NAG K . -11.81 -35.93 0.18
C3 NAG K . -11.65 -37.44 0.30
C4 NAG K . -10.25 -37.87 -0.12
C5 NAG K . -9.21 -37.07 0.66
C6 NAG K . -7.80 -37.35 0.20
C7 NAG K . -14.21 -35.48 -0.12
C8 NAG K . -15.48 -35.04 0.53
N2 NAG K . -13.13 -35.51 0.66
O3 NAG K . -12.61 -38.09 -0.51
O4 NAG K . -10.07 -39.26 0.13
O5 NAG K . -9.43 -35.66 0.48
O6 NAG K . -7.42 -36.49 -0.86
O7 NAG K . -14.17 -35.80 -1.31
C1 NAG K . -9.92 -39.92 -1.14
C2 NAG K . -9.11 -41.19 -0.92
C3 NAG K . -8.96 -41.96 -2.22
C4 NAG K . -10.32 -42.22 -2.84
C5 NAG K . -11.10 -40.92 -2.98
C6 NAG K . -12.51 -41.13 -3.46
C7 NAG K . -7.58 -40.79 0.96
C8 NAG K . -6.17 -40.46 1.37
N2 NAG K . -7.80 -40.87 -0.35
O3 NAG K . -8.30 -43.20 -1.97
O4 NAG K . -10.17 -42.81 -4.12
O5 NAG K . -11.19 -40.27 -1.71
O6 NAG K . -13.18 -42.15 -2.71
O7 NAG K . -8.46 -40.98 1.79
C1 NAG L . -24.28 -3.73 19.24
C2 NAG L . -25.15 -4.25 20.37
C3 NAG L . -26.23 -3.24 20.71
C4 NAG L . -25.64 -1.85 20.91
C5 NAG L . -24.67 -1.48 19.79
C6 NAG L . -23.91 -0.21 20.06
C7 NAG L . -26.04 -6.47 20.95
C8 NAG L . -26.65 -7.74 20.44
N2 NAG L . -25.73 -5.54 20.03
O3 NAG L . -26.92 -3.66 21.88
O4 NAG L . -26.70 -0.89 20.85
O5 NAG L . -23.69 -2.52 19.63
O6 NAG L . -22.67 -0.46 20.69
O7 NAG L . -25.84 -6.28 22.15
C1 NAG L . -27.14 -0.47 22.15
C2 NAG L . -28.08 0.72 21.93
C3 NAG L . -28.68 1.19 23.25
C4 NAG L . -29.32 0.02 23.99
C5 NAG L . -28.33 -1.13 24.13
C6 NAG L . -28.93 -2.36 24.75
C7 NAG L . -27.31 1.96 19.95
C8 NAG L . -26.54 3.14 19.46
N2 NAG L . -27.37 1.81 21.28
O3 NAG L . -29.67 2.19 22.99
O4 NAG L . -29.73 0.44 25.28
O5 NAG L . -27.86 -1.51 22.83
O6 NAG L . -29.95 -2.03 25.69
O7 NAG L . -27.87 1.18 19.19
C1 NAG M . -1.67 -27.05 -23.34
C2 NAG M . -0.72 -28.15 -23.85
C3 NAG M . -1.05 -28.52 -25.28
C4 NAG M . -2.51 -28.89 -25.41
C5 NAG M . -3.38 -27.76 -24.89
C6 NAG M . -4.86 -28.09 -24.90
C7 NAG M . 1.69 -28.57 -23.61
C8 NAG M . 3.05 -27.95 -23.52
N2 NAG M . 0.67 -27.72 -23.74
O3 NAG M . -0.23 -29.61 -25.69
O4 NAG M . -2.84 -29.16 -26.77
O5 NAG M . -3.03 -27.47 -23.52
O6 NAG M . -5.33 -28.29 -26.23
O7 NAG M . 1.53 -29.79 -23.58
C1 NAG M . -3.14 -30.56 -26.90
C2 NAG M . -3.76 -30.79 -28.28
C3 NAG M . -4.05 -32.28 -28.48
C4 NAG M . -2.79 -33.10 -28.24
C5 NAG M . -2.19 -32.77 -26.87
C6 NAG M . -0.88 -33.46 -26.62
C7 NAG M . -5.44 -29.59 -29.61
C8 NAG M . -6.71 -28.81 -29.57
N2 NAG M . -4.98 -30.02 -28.43
O3 NAG M . -4.52 -32.49 -29.81
O4 NAG M . -3.09 -34.49 -28.30
O5 NAG M . -1.96 -31.36 -26.77
O6 NAG M . -0.79 -34.69 -27.32
O7 NAG M . -4.85 -29.84 -30.66
C1 NAG N . 7.14 -13.65 -33.40
C2 NAG N . 6.69 -14.96 -34.04
C3 NAG N . 6.96 -14.93 -35.54
C4 NAG N . 6.34 -13.69 -36.18
C5 NAG N . 6.80 -12.43 -35.43
C6 NAG N . 6.12 -11.18 -35.93
C7 NAG N . 6.78 -17.32 -33.35
C8 NAG N . 7.60 -18.38 -32.69
N2 NAG N . 7.35 -16.10 -33.44
O3 NAG N . 6.41 -16.10 -36.15
O4 NAG N . 6.71 -13.60 -37.54
O5 NAG N . 6.50 -12.55 -34.03
O6 NAG N . 4.91 -10.94 -35.22
O7 NAG N . 5.66 -17.54 -33.78
C1 NAG N . 5.52 -13.77 -38.35
C2 NAG N . 5.74 -13.05 -39.67
C3 NAG N . 4.53 -13.24 -40.59
C4 NAG N . 4.21 -14.73 -40.74
C5 NAG N . 4.07 -15.38 -39.38
C6 NAG N . 3.89 -16.88 -39.46
C7 NAG N . 7.23 -11.15 -39.28
C8 NAG N . 7.32 -9.66 -39.07
N2 NAG N . 6.01 -11.64 -39.46
O3 NAG N . 4.81 -12.67 -41.85
O4 NAG N . 3.00 -14.89 -41.47
O5 NAG N . 5.25 -15.16 -38.59
O6 NAG N . 4.86 -17.47 -40.30
O7 NAG N . 8.23 -11.87 -39.28
C1 NAG O . 23.74 -20.17 1.12
C2 NAG O . 25.07 -20.84 0.81
C3 NAG O . 25.49 -21.74 1.99
C4 NAG O . 25.40 -20.99 3.31
C5 NAG O . 24.09 -20.22 3.45
C6 NAG O . 24.06 -19.30 4.64
C7 NAG O . 26.08 -21.81 -1.19
C8 NAG O . 25.84 -22.63 -2.42
N2 NAG O . 25.01 -21.60 -0.41
O3 NAG O . 26.81 -22.21 1.77
O4 NAG O . 25.44 -21.93 4.38
O5 NAG O . 23.86 -19.40 2.29
O6 NAG O . 24.47 -17.99 4.30
O7 NAG O . 27.18 -21.36 -0.92
C1 NAG O . 26.74 -22.07 4.98
C2 NAG O . 26.54 -22.90 6.24
C3 NAG O . 27.89 -23.19 6.91
C4 NAG O . 28.88 -23.77 5.91
C5 NAG O . 28.97 -22.89 4.67
C6 NAG O . 29.82 -23.48 3.58
C7 NAG O . 24.33 -22.44 7.18
C8 NAG O . 23.55 -21.65 8.21
N2 NAG O . 25.65 -22.23 7.17
O3 NAG O . 27.69 -24.09 7.99
O4 NAG O . 30.17 -23.88 6.50
O5 NAG O . 27.66 -22.73 4.10
O6 NAG O . 30.89 -24.25 4.12
O7 NAG O . 23.78 -23.20 6.40
C1 XYS P . -27.12 -24.89 -14.48
C2 XYS P . -25.72 -24.40 -14.85
C3 XYS P . -24.98 -23.78 -13.71
C4 XYS P . -25.83 -22.81 -12.92
C5 XYS P . -27.17 -23.44 -12.56
O1 XYS P . -27.01 -25.95 -13.64
O2 XYS P . -24.97 -25.51 -15.35
O3 XYS P . -23.80 -23.12 -14.24
O4 XYS P . -25.16 -22.45 -11.71
O5 XYS P . -27.88 -23.81 -13.79
C1 BDP P . -22.67 -23.36 -13.35
C2 BDP P . -21.45 -23.81 -14.16
C3 BDP P . -20.32 -24.06 -13.27
C4 BDP P . -19.98 -22.86 -12.47
C5 BDP P . -21.17 -22.29 -11.73
C6 BDP P . -20.82 -20.94 -11.26
O2 BDP P . -21.76 -25.01 -14.92
O3 BDP P . -19.10 -24.46 -14.08
O4 BDP P . -18.98 -23.22 -11.51
O5 BDP P . -22.37 -22.16 -12.55
O6A BDP P . -19.63 -20.59 -11.23
O6B BDP P . -21.70 -20.15 -10.90
C1 XYS P . -18.69 -25.78 -13.68
C2 XYS P . -17.23 -25.75 -13.18
C3 XYS P . -16.13 -26.11 -14.16
C4 XYS P . -16.55 -26.70 -15.47
C5 XYS P . -17.98 -26.36 -15.88
O2 XYS P . -16.96 -24.45 -12.67
O3 XYS P . -15.25 -27.06 -13.50
O4 XYS P . -15.67 -26.24 -16.49
O5 XYS P . -18.87 -26.77 -14.78
C1 BDP P . -13.95 -26.49 -13.19
C2 BDP P . -13.15 -26.34 -14.49
C3 BDP P . -11.87 -25.64 -14.35
C4 BDP P . -11.94 -24.43 -13.48
C5 BDP P . -12.70 -24.71 -12.20
C6 BDP P . -12.77 -23.44 -11.44
O2 BDP P . -12.88 -27.67 -15.04
O3 BDP P . -11.44 -25.21 -15.74
O4 BDP P . -10.62 -24.01 -13.14
O5 BDP P . -14.04 -25.20 -12.49
O6A BDP P . -11.75 -22.80 -11.22
O6B BDP P . -13.87 -23.03 -11.02
C1 XYS P . -10.06 -25.53 -15.98
C2 XYS P . -9.47 -24.53 -16.97
C3 XYS P . -10.11 -24.68 -18.31
C4 XYS P . -10.05 -26.10 -18.83
C5 XYS P . -10.58 -27.07 -17.77
O2 XYS P . -9.70 -23.20 -16.49
O3 XYS P . -9.54 -23.72 -19.25
O4 XYS P . -10.88 -26.21 -19.99
O5 XYS P . -9.86 -26.91 -16.49
C1 BDP P . -8.43 -24.22 -20.02
C2 BDP P . -8.24 -23.28 -21.22
C3 BDP P . -6.99 -23.46 -21.96
C4 BDP P . -5.80 -23.70 -21.09
C5 BDP P . -6.08 -24.75 -20.03
C6 BDP P . -4.89 -24.91 -19.17
O2 BDP P . -9.35 -23.48 -22.14
O3 BDP P . -6.76 -22.19 -22.76
O4 BDP P . -4.72 -24.18 -21.90
O5 BDP P . -7.21 -24.36 -19.21
O6A BDP P . -4.27 -23.92 -18.78
O6B BDP P . -4.51 -26.04 -18.84
C1 XYS P . -6.34 -22.52 -24.10
C2 XYS P . -6.03 -21.22 -24.87
C3 XYS P . -7.23 -20.48 -25.32
C4 XYS P . -8.18 -21.39 -26.06
C5 XYS P . -8.55 -22.59 -25.19
O2 XYS P . -5.24 -20.36 -24.02
O3 XYS P . -6.82 -19.42 -26.22
O4 XYS P . -9.37 -20.68 -26.38
O5 XYS P . -7.35 -23.36 -24.82
C1 BDP P . -6.96 -18.11 -25.61
C2 BDP P . -8.43 -17.79 -25.40
C3 BDP P . -8.64 -16.49 -24.77
C4 BDP P . -7.83 -16.33 -23.53
C5 BDP P . -6.37 -16.65 -23.78
C6 BDP P . -5.62 -16.55 -22.52
O2 BDP P . -9.12 -17.80 -26.69
O3 BDP P . -10.11 -16.39 -24.39
O4 BDP P . -7.91 -14.97 -23.08
O5 BDP P . -6.22 -17.99 -24.34
O6A BDP P . -5.75 -15.56 -21.81
O6B BDP P . -4.84 -17.45 -22.17
C1 XYS P . -10.64 -15.11 -24.77
C2 XYS P . -11.99 -14.92 -24.09
C3 XYS P . -12.98 -15.90 -24.61
C4 XYS P . -13.14 -15.81 -26.09
C5 XYS P . -11.77 -15.93 -26.79
O2 XYS P . -11.83 -15.11 -22.68
O3 XYS P . -14.26 -15.74 -23.91
O4 XYS P . -13.96 -16.90 -26.55
O5 XYS P . -10.79 -14.96 -26.26
C1 BDP P . -15.13 -14.78 -24.53
C2 BDP P . -16.57 -15.06 -24.09
C3 BDP P . -17.55 -13.99 -24.32
C4 BDP P . -17.03 -12.60 -24.51
C5 BDP P . -15.58 -12.49 -24.96
C6 BDP P . -15.11 -11.11 -24.73
O2 BDP P . -17.04 -16.25 -24.79
O3 BDP P . -18.46 -13.99 -23.10
O4 BDP P . -17.83 -11.95 -25.50
O5 BDP P . -14.73 -13.40 -24.22
O6A BDP P . -14.68 -10.80 -23.62
O6B BDP P . -15.12 -10.29 -25.65
C1 XYS P . -19.74 -13.43 -23.44
C2 XYS P . -20.44 -12.98 -22.15
C3 XYS P . -20.95 -14.11 -21.31
C4 XYS P . -21.71 -15.11 -22.12
C5 XYS P . -20.88 -15.56 -23.33
O2 XYS P . -19.51 -12.20 -21.38
O3 XYS P . -21.84 -13.57 -20.29
O4 XYS P . -22.00 -16.25 -21.31
O5 XYS P . -20.62 -14.40 -24.18
C1 BDP P . -21.20 -13.53 -18.99
C2 BDP P . -20.85 -14.95 -18.54
C3 BDP P . -20.20 -14.96 -17.23
C4 BDP P . -19.05 -14.02 -17.15
C5 BDP P . -19.43 -12.63 -17.62
C6 BDP P . -18.23 -11.77 -17.60
O2 BDP P . -22.06 -15.76 -18.47
O3 BDP P . -19.70 -16.35 -16.95
O4 BDP P . -18.60 -13.92 -15.80
O5 BDP P . -20.00 -12.67 -18.97
O6A BDP P . -17.66 -11.56 -16.54
O6B BDP P . -17.82 -11.27 -18.66
C1 XYS P . -20.15 -16.77 -15.65
C2 XYS P . -19.22 -17.84 -15.09
C3 XYS P . -19.36 -19.15 -15.81
C4 XYS P . -20.79 -19.59 -15.93
C5 XYS P . -21.64 -18.47 -16.55
O2 XYS P . -17.86 -17.38 -15.22
O3 XYS P . -18.62 -20.16 -15.08
O4 XYS P . -20.84 -20.73 -16.79
O5 XYS P . -21.56 -17.28 -15.68
C1 NAG Q . -13.85 23.57 -6.80
C2 NAG Q . -14.75 22.51 -7.43
C3 NAG Q . -15.13 22.91 -8.85
C4 NAG Q . -15.71 24.32 -8.88
C5 NAG Q . -14.79 25.30 -8.17
C6 NAG Q . -15.38 26.69 -8.04
C7 NAG Q . -14.76 20.05 -7.45
C8 NAG Q . -13.92 18.81 -7.46
N2 NAG Q . -14.09 21.21 -7.43
O3 NAG Q . -16.08 21.99 -9.37
O4 NAG Q . -15.91 24.74 -10.22
O5 NAG Q . -14.50 24.84 -6.85
O6 NAG Q . -15.87 27.16 -9.29
O7 NAG Q . -15.98 20.01 -7.47
C1 NAG R . -21.52 33.00 3.16
C2 NAG R . -22.86 32.34 3.48
C3 NAG R . -23.92 32.83 2.50
C4 NAG R . -23.97 34.35 2.47
C5 NAG R . -22.58 34.92 2.20
C6 NAG R . -22.52 36.43 2.28
C7 NAG R . -23.51 30.10 4.22
C8 NAG R . -23.28 28.62 4.07
N2 NAG R . -22.76 30.89 3.45
O3 NAG R . -25.19 32.32 2.87
O4 NAG R . -24.86 34.80 1.44
O5 NAG R . -21.65 34.42 3.18
O6 NAG R . -21.19 36.91 2.17
O7 NAG R . -24.33 30.55 5.02
C1 NAG S . -6.62 -12.37 24.42
C2 NAG S . -6.95 -13.47 23.42
C3 NAG S . -8.31 -14.09 23.73
C4 NAG S . -8.38 -14.53 25.19
C5 NAG S . -7.99 -13.39 26.12
C6 NAG S . -7.89 -13.81 27.57
C7 NAG S . -6.70 -13.72 20.99
C8 NAG S . -6.72 -13.01 19.67
N2 NAG S . -6.93 -12.96 22.06
O3 NAG S . -8.53 -15.20 22.88
O4 NAG S . -9.71 -14.95 25.51
O5 NAG S . -6.69 -12.89 25.75
O6 NAG S . -9.07 -14.49 27.98
O7 NAG S . -6.48 -14.92 21.08
C1 NAG T . 3.48 -16.97 35.54
C2 NAG T . 4.11 -18.28 35.08
C3 NAG T . 3.30 -19.46 35.60
C4 NAG T . 3.10 -19.37 37.11
C5 NAG T . 2.52 -18.01 37.48
C6 NAG T . 2.43 -17.80 38.98
C7 NAG T . 5.22 -18.98 33.01
C8 NAG T . 5.19 -18.92 31.51
N2 NAG T . 4.23 -18.33 33.64
O3 NAG T . 3.95 -20.68 35.26
O4 NAG T . 2.22 -20.40 37.55
O5 NAG T . 3.36 -16.96 36.97
O6 NAG T . 2.01 -16.48 39.29
O7 NAG T . 6.10 -19.58 33.61
C1 NAG U . 26.48 -2.70 -9.31
C2 NAG U . 25.68 -3.32 -10.45
C3 NAG U . 26.31 -4.63 -10.89
C4 NAG U . 27.80 -4.46 -11.18
C5 NAG U . 28.51 -3.78 -10.02
C6 NAG U . 29.95 -3.44 -10.32
C7 NAG U . 23.29 -3.58 -10.95
C8 NAG U . 21.93 -3.80 -10.35
N2 NAG U . 24.30 -3.52 -10.06
O3 NAG U . 25.65 -5.12 -12.05
O4 NAG U . 28.40 -5.73 -11.43
O5 NAG U . 27.85 -2.55 -9.70
O6 NAG U . 30.65 -4.57 -10.83
O7 NAG U . 23.47 -3.46 -12.15
C1 NAG V . 35.91 8.97 -14.00
C2 NAG V . 35.49 9.38 -15.42
C3 NAG V . 36.26 8.57 -16.45
C4 NAG V . 37.76 8.70 -16.20
C5 NAG V . 38.10 8.33 -14.76
C6 NAG V . 39.55 8.55 -14.40
C7 NAG V . 33.33 9.97 -16.41
C8 NAG V . 31.86 9.64 -16.48
N2 NAG V . 34.06 9.19 -15.60
O3 NAG V . 35.95 9.03 -17.76
O4 NAG V . 38.49 7.83 -17.08
O5 NAG V . 37.33 9.13 -13.85
O6 NAG V . 39.80 8.33 -13.02
O7 NAG V . 33.81 10.89 -17.05
C1 NAG W . -1.23 19.07 -28.13
C2 NAG W . -1.51 19.82 -29.43
C3 NAG W . -0.32 19.67 -30.39
C4 NAG W . 0.97 20.08 -29.70
C5 NAG W . 1.14 19.32 -28.39
C6 NAG W . 2.35 19.76 -27.60
C7 NAG W . -3.56 20.17 -30.72
C8 NAG W . -4.78 19.53 -31.31
N2 NAG W . -2.73 19.36 -30.06
O3 NAG W . -0.54 20.48 -31.53
O4 NAG W . 2.09 19.81 -30.55
O5 NAG W . -0.01 19.53 -27.55
O6 NAG W . 2.39 21.18 -27.45
O7 NAG W . -3.34 21.38 -30.83
C1 NAG X . -36.04 9.82 -15.90
C2 NAG X . -36.42 11.29 -15.87
C3 NAG X . -37.86 11.48 -15.38
C4 NAG X . -38.09 10.77 -14.04
C5 NAG X . -37.46 9.38 -14.05
C6 NAG X . -38.40 8.32 -13.56
C7 NAG X . -35.25 13.36 -15.25
C8 NAG X . -34.27 14.00 -14.31
N2 NAG X . -35.49 12.06 -15.05
O3 NAG X . -38.76 10.96 -16.35
O4 NAG X . -37.50 11.54 -12.99
O5 NAG X . -37.11 9.03 -15.39
O6 NAG X . -39.02 7.62 -14.65
O7 NAG X . -35.79 13.99 -16.16
C1 NAG Y . -29.11 -4.59 16.64
C2 NAG Y . -30.41 -5.04 17.28
C3 NAG Y . -31.55 -4.10 16.90
C4 NAG Y . -31.17 -2.65 17.23
C5 NAG Y . -29.84 -2.30 16.58
C6 NAG Y . -29.34 -0.92 16.96
C7 NAG Y . -31.33 -7.28 17.74
C8 NAG Y . -31.59 -8.63 17.18
N2 NAG Y . -30.74 -6.41 16.90
O3 NAG Y . -32.72 -4.46 17.61
O4 NAG Y . -32.17 -1.77 16.75
O5 NAG Y . -28.83 -3.24 17.00
O6 NAG Y . -29.37 -0.73 18.36
O7 NAG Y . -31.62 -6.97 18.89
C1 NAG Z . -9.60 -37.00 12.66
C2 NAG Z . -9.68 -37.24 14.18
C3 NAG Z . -8.95 -38.52 14.57
C4 NAG Z . -7.53 -38.54 14.03
C5 NAG Z . -7.48 -38.07 12.58
C6 NAG Z . -6.70 -39.00 11.68
C7 NAG Z . -9.54 -35.78 16.14
C8 NAG Z . -8.88 -34.58 16.75
N2 NAG Z . -9.14 -36.10 14.91
O3 NAG Z . -9.67 -39.64 14.07
O4 NAG Z . -6.70 -37.69 14.82
O5 NAG Z . -8.82 -38.02 12.06
O6 NAG Z . -7.57 -39.86 10.96
O7 NAG Z . -10.39 -36.42 16.74
C1 NAG AA . 22.21 -25.48 0.60
C2 NAG AA . 23.14 -26.67 0.36
C3 NAG AA . 22.88 -27.76 1.41
C4 NAG AA . 22.95 -27.19 2.82
C5 NAG AA . 22.02 -25.98 2.94
C6 NAG AA . 22.13 -25.29 4.28
C7 NAG AA . 24.02 -27.69 -1.68
C8 NAG AA . 23.69 -28.19 -3.05
N2 NAG AA . 23.00 -27.20 -0.97
O3 NAG AA . 23.83 -28.80 1.25
O4 NAG AA . 22.56 -28.17 3.77
O5 NAG AA . 22.35 -25.00 1.94
O6 NAG AA . 23.49 -25.01 4.62
O7 NAG AA . 25.17 -27.73 -1.23
C1 NAG BA . 18.57 -10.42 -34.13
C2 NAG BA . 20.09 -10.22 -34.21
C3 NAG BA . 20.48 -9.56 -35.53
C4 NAG BA . 19.69 -8.28 -35.78
C5 NAG BA . 18.22 -8.48 -35.45
C6 NAG BA . 17.31 -7.99 -36.54
C7 NAG BA . 21.81 -9.55 -32.59
C8 NAG BA . 22.14 -8.67 -31.42
N2 NAG BA . 20.57 -9.44 -33.08
O3 NAG BA . 20.27 -10.47 -36.60
O4 NAG BA . 20.21 -7.23 -34.96
O5 NAG BA . 17.96 -9.88 -35.29
O6 NAG BA . 16.88 -9.06 -37.39
O7 NAG BA . 22.62 -10.33 -33.07
#